data_8ETE
#
_entry.id   8ETE
#
_cell.length_a   100.085
_cell.length_b   100.085
_cell.length_c   165.187
_cell.angle_alpha   90.000
_cell.angle_beta   90.000
_cell.angle_gamma   120.000
#
_symmetry.space_group_name_H-M   'P 32 2 1'
#
loop_
_entity.id
_entity.type
_entity.pdbx_description
1 polymer 'Conjugated bile acid hydrolase'
2 non-polymer '(5R)-1-fluoro-5-[(1R,3aS,3bR,5aR,7R,9aS,9bS,11aR)-7-hydroxy-9a,11a-dimethylhexadecahydro-1H-cyclopenta[a]phenanthren-1-yl]hexan-2-one (non-preferred name)'
#
_entity_poly.entity_id   1
_entity_poly.type   'polypeptide(L)'
_entity_poly.pdbx_seq_one_letter_code
;MCTGVRFSDDEGNTYFGRNLDWSFSYGETILVTPRGYHYDTVFGAGGKAKPNAVIGVGVVMADRPMYFDCANEHGLAIAG
LNFPGYASFVHEPVEGTENVATFEFPLWVARNFDSVDEVEETLRNVTLVSQIVPGQQESLLHWFIGDGKRSIVVEQMADG
MHVHHDDVDVLTNQPTFDFHMENLRNYMCVSNEMAEPTSWGKASLTAWGAGVGMHGIPGDVSSPSRFVRVAYTNAHYPQQ
NDEAANVSRLFHTLGSVQMVDGMAKMGDGQFERTLFTSGYSSKTNTYYMNTYDDPAIRSYAMADYDMDSSELISVAR
;
_entity_poly.pdbx_strand_id   A,B
#
loop_
_chem_comp.id
_chem_comp.type
_chem_comp.name
_chem_comp.formula
WU5 non-polymer '(5R)-1-fluoro-5-[(1R,3aS,3bR,5aR,7R,9aS,9bS,11aR)-7-hydroxy-9a,11a-dimethylhexadecahydro-1H-cyclopenta[a]phenanthren-1-yl]hexan-2-one (non-preferred name)' 'C25 H41 F O2'
#
# COMPACT_ATOMS: atom_id res chain seq x y z
N CYS A 2 13.35 3.48 -5.44
CA CYS A 2 12.88 2.11 -5.50
C CYS A 2 13.29 1.32 -4.27
N THR A 3 12.77 0.11 -4.18
CA THR A 3 12.95 -0.74 -3.01
C THR A 3 13.20 -2.17 -3.46
N GLY A 4 14.13 -2.83 -2.79
CA GLY A 4 14.40 -4.24 -3.03
C GLY A 4 14.11 -5.04 -1.77
N VAL A 5 13.44 -6.18 -1.95
CA VAL A 5 13.02 -7.02 -0.83
C VAL A 5 13.33 -8.47 -1.18
N ARG A 6 13.84 -9.21 -0.18
CA ARG A 6 14.10 -10.63 -0.34
C ARG A 6 13.77 -11.35 0.96
N PHE A 7 13.22 -12.55 0.84
CA PHE A 7 13.00 -13.42 1.99
C PHE A 7 12.81 -14.84 1.46
N SER A 8 12.68 -15.78 2.38
CA SER A 8 12.52 -17.19 2.06
C SER A 8 11.37 -17.78 2.86
N ASP A 9 10.90 -18.95 2.41
CA ASP A 9 9.89 -19.70 3.14
C ASP A 9 10.52 -20.72 4.07
N ASP A 10 9.79 -21.80 4.38
CA ASP A 10 10.31 -22.84 5.26
C ASP A 10 11.21 -23.85 4.53
N GLU A 11 11.28 -23.80 3.21
CA GLU A 11 12.00 -24.78 2.41
C GLU A 11 13.15 -24.16 1.64
N GLY A 12 13.68 -23.03 2.13
CA GLY A 12 14.80 -22.39 1.47
C GLY A 12 14.52 -21.80 0.12
N ASN A 13 13.25 -21.72 -0.29
CA ASN A 13 12.91 -21.14 -1.59
C ASN A 13 13.17 -19.65 -1.61
N THR A 14 13.31 -19.11 -2.81
CA THR A 14 13.60 -17.69 -3.00
C THR A 14 12.32 -16.91 -3.23
N TYR A 15 12.20 -15.76 -2.58
CA TYR A 15 11.20 -14.77 -2.91
C TYR A 15 11.90 -13.42 -3.00
N PHE A 16 11.79 -12.79 -4.16
CA PHE A 16 12.56 -11.61 -4.52
C PHE A 16 11.68 -10.67 -5.31
N GLY A 17 11.77 -9.37 -5.00
CA GLY A 17 10.88 -8.42 -5.65
C GLY A 17 11.43 -7.02 -5.55
N ARG A 18 10.86 -6.13 -6.37
CA ARG A 18 11.30 -4.74 -6.38
C ARG A 18 10.14 -3.84 -6.81
N ASN A 19 10.19 -2.61 -6.33
CA ASN A 19 9.40 -1.52 -6.87
C ASN A 19 10.26 -0.74 -7.84
N LEU A 20 9.61 -0.02 -8.75
CA LEU A 20 10.32 0.89 -9.64
C LEU A 20 9.61 2.24 -9.58
N ASP A 21 10.24 3.20 -8.92
CA ASP A 21 9.67 4.54 -8.72
C ASP A 21 10.31 5.50 -9.73
N TRP A 22 9.48 6.09 -10.59
CA TRP A 22 9.94 7.03 -11.61
C TRP A 22 8.71 7.79 -12.12
N SER A 23 8.95 8.71 -13.06
CA SER A 23 7.89 9.53 -13.64
C SER A 23 7.33 8.95 -14.93
N PHE A 24 8.18 8.51 -15.85
CA PHE A 24 7.75 7.97 -17.13
C PHE A 24 8.17 6.51 -17.25
N SER A 25 7.42 5.75 -18.05
CA SER A 25 7.72 4.36 -18.30
C SER A 25 8.78 4.25 -19.39
N TYR A 26 9.72 3.32 -19.20
CA TYR A 26 10.76 3.06 -20.18
C TYR A 26 10.36 1.99 -21.19
N GLY A 27 9.06 1.73 -21.32
CA GLY A 27 8.63 0.62 -22.16
C GLY A 27 8.98 -0.71 -21.55
N GLU A 28 8.88 -0.83 -20.23
CA GLU A 28 9.23 -2.06 -19.54
C GLU A 28 8.29 -3.19 -19.97
N THR A 29 8.88 -4.36 -20.22
CA THR A 29 8.11 -5.55 -20.58
C THR A 29 8.81 -6.77 -19.99
N ILE A 30 8.03 -7.82 -19.75
CA ILE A 30 8.58 -9.08 -19.30
C ILE A 30 9.43 -9.68 -20.41
N LEU A 31 10.73 -9.82 -20.17
CA LEU A 31 11.67 -10.35 -21.13
C LEU A 31 12.18 -11.71 -20.67
N VAL A 32 12.10 -12.70 -21.55
CA VAL A 32 12.61 -14.04 -21.28
C VAL A 32 13.83 -14.27 -22.15
N THR A 33 14.97 -14.54 -21.52
CA THR A 33 16.20 -14.83 -22.24
C THR A 33 16.47 -16.32 -22.18
N PRO A 34 16.27 -17.07 -23.26
CA PRO A 34 16.50 -18.51 -23.22
C PRO A 34 18.00 -18.82 -23.14
N ARG A 35 18.29 -20.10 -22.87
CA ARG A 35 19.69 -20.52 -22.77
C ARG A 35 20.31 -20.69 -24.15
N GLY A 36 19.54 -21.19 -25.11
CA GLY A 36 20.02 -21.28 -26.48
C GLY A 36 20.28 -19.94 -27.15
N TYR A 37 19.79 -18.85 -26.56
CA TYR A 37 20.10 -17.52 -27.07
C TYR A 37 21.59 -17.25 -26.87
N HIS A 38 22.28 -16.91 -27.95
CA HIS A 38 23.70 -16.63 -27.90
C HIS A 38 23.93 -15.17 -27.55
N TYR A 39 24.75 -14.94 -26.52
CA TYR A 39 25.06 -13.59 -26.07
C TYR A 39 26.56 -13.33 -26.24
N ASP A 40 26.89 -12.17 -26.80
CA ASP A 40 28.27 -11.73 -26.98
C ASP A 40 28.55 -10.64 -25.95
N THR A 41 29.37 -10.98 -24.94
CA THR A 41 29.69 -10.01 -23.91
C THR A 41 30.44 -8.82 -24.50
N VAL A 42 30.23 -7.65 -23.90
CA VAL A 42 30.74 -6.42 -24.49
C VAL A 42 32.27 -6.36 -24.38
N PHE A 43 32.81 -6.71 -23.21
CA PHE A 43 34.25 -6.63 -22.96
C PHE A 43 34.90 -8.01 -22.85
N GLY A 44 34.32 -9.02 -23.49
CA GLY A 44 34.93 -10.34 -23.52
C GLY A 44 34.96 -11.04 -22.17
N ALA A 45 33.83 -11.11 -21.50
CA ALA A 45 33.74 -11.77 -20.20
C ALA A 45 33.33 -13.23 -20.37
N GLY A 46 33.76 -14.07 -19.43
CA GLY A 46 33.48 -15.48 -19.46
C GLY A 46 32.05 -15.80 -19.09
N GLY A 47 31.79 -17.09 -18.90
CA GLY A 47 30.47 -17.52 -18.50
C GLY A 47 30.34 -19.02 -18.54
N LYS A 48 29.19 -19.49 -18.08
CA LYS A 48 28.90 -20.91 -18.07
C LYS A 48 28.84 -21.47 -19.49
N ALA A 49 29.19 -22.75 -19.62
CA ALA A 49 29.08 -23.40 -20.92
C ALA A 49 27.61 -23.59 -21.31
N LYS A 50 26.83 -24.22 -20.42
CA LYS A 50 25.38 -24.33 -20.60
C LYS A 50 24.71 -23.22 -19.80
N PRO A 51 24.28 -22.13 -20.43
CA PRO A 51 23.75 -21.00 -19.68
C PRO A 51 22.44 -21.33 -19.00
N ASN A 52 22.09 -20.51 -18.00
CA ASN A 52 20.84 -20.65 -17.28
C ASN A 52 19.74 -19.83 -17.95
N ALA A 53 18.56 -20.42 -18.05
CA ALA A 53 17.40 -19.66 -18.52
C ALA A 53 17.02 -18.62 -17.48
N VAL A 54 16.82 -17.38 -17.93
CA VAL A 54 16.50 -16.28 -17.02
C VAL A 54 15.23 -15.58 -17.50
N ILE A 55 14.58 -14.88 -16.57
CA ILE A 55 13.34 -14.17 -16.85
C ILE A 55 13.32 -12.91 -15.98
N GLY A 56 12.60 -11.90 -16.45
CA GLY A 56 12.49 -10.66 -15.70
C GLY A 56 11.83 -9.57 -16.54
N VAL A 57 11.99 -8.34 -16.08
CA VAL A 57 11.47 -7.15 -16.76
C VAL A 57 12.63 -6.46 -17.45
N GLY A 58 12.47 -6.19 -18.74
CA GLY A 58 13.58 -5.64 -19.51
C GLY A 58 13.13 -5.05 -20.84
N VAL A 59 13.92 -4.11 -21.32
CA VAL A 59 13.79 -3.60 -22.67
C VAL A 59 14.80 -4.30 -23.56
N VAL A 60 14.63 -4.14 -24.87
CA VAL A 60 15.48 -4.84 -25.84
C VAL A 60 16.22 -3.83 -26.70
N MET A 61 17.16 -3.11 -26.10
CA MET A 61 17.98 -2.17 -26.87
C MET A 61 19.03 -2.93 -27.68
N ALA A 62 19.27 -2.45 -28.90
CA ALA A 62 20.13 -3.14 -29.87
C ALA A 62 19.66 -4.57 -30.08
N ASP A 63 20.43 -5.54 -29.61
CA ASP A 63 20.02 -6.94 -29.59
C ASP A 63 20.45 -7.57 -28.28
N ARG A 64 20.39 -6.80 -27.19
CA ARG A 64 20.82 -7.25 -25.88
C ARG A 64 19.72 -7.02 -24.85
N PRO A 65 19.47 -7.99 -23.98
CA PRO A 65 18.45 -7.82 -22.93
C PRO A 65 18.96 -6.93 -21.80
N MET A 66 18.36 -5.75 -21.68
CA MET A 66 18.71 -4.80 -20.62
C MET A 66 17.69 -4.98 -19.50
N TYR A 67 18.00 -5.90 -18.59
CA TYR A 67 17.08 -6.24 -17.51
C TYR A 67 17.13 -5.19 -16.40
N PHE A 68 15.96 -4.67 -16.03
CA PHE A 68 15.84 -3.91 -14.79
C PHE A 68 15.98 -4.82 -13.58
N ASP A 69 15.35 -5.99 -13.64
CA ASP A 69 15.47 -7.03 -12.63
C ASP A 69 15.22 -8.37 -13.30
N CYS A 70 16.01 -9.38 -12.94
CA CYS A 70 15.86 -10.69 -13.54
C CYS A 70 16.23 -11.78 -12.54
N ALA A 71 15.74 -12.99 -12.81
CA ALA A 71 16.08 -14.16 -12.01
C ALA A 71 16.27 -15.35 -12.96
N ASN A 72 17.04 -16.34 -12.50
CA ASN A 72 17.29 -17.53 -13.30
C ASN A 72 16.55 -18.72 -12.72
N GLU A 73 16.66 -19.85 -13.40
CA GLU A 73 15.94 -21.08 -13.08
C GLU A 73 16.46 -21.77 -11.83
N HIS A 74 17.53 -21.27 -11.21
CA HIS A 74 18.13 -21.93 -10.06
C HIS A 74 17.91 -21.17 -8.77
N GLY A 75 17.18 -20.06 -8.80
CA GLY A 75 16.80 -19.35 -7.60
C GLY A 75 17.56 -18.06 -7.35
N LEU A 76 18.45 -17.65 -8.24
CA LEU A 76 19.20 -16.41 -8.06
C LEU A 76 18.50 -15.26 -8.76
N ALA A 77 18.48 -14.11 -8.11
CA ALA A 77 17.81 -12.92 -8.63
C ALA A 77 18.68 -11.70 -8.38
N ILE A 78 18.50 -10.68 -9.22
CA ILE A 78 19.29 -9.46 -9.14
C ILE A 78 18.47 -8.30 -9.69
N ALA A 79 18.52 -7.17 -9.00
CA ALA A 79 17.84 -5.95 -9.42
C ALA A 79 18.78 -4.77 -9.25
N GLY A 80 18.60 -3.75 -10.08
CA GLY A 80 19.42 -2.54 -10.06
C GLY A 80 18.59 -1.33 -9.66
N LEU A 81 19.20 -0.45 -8.86
CA LEU A 81 18.54 0.71 -8.30
C LEU A 81 19.42 1.94 -8.46
N ASN A 82 18.77 3.10 -8.61
CA ASN A 82 19.47 4.35 -8.87
C ASN A 82 20.40 4.70 -7.72
N PHE A 83 21.65 5.05 -8.04
CA PHE A 83 22.66 5.38 -7.03
C PHE A 83 23.49 6.60 -7.43
N PRO A 84 22.85 7.66 -7.91
CA PRO A 84 23.61 8.78 -8.46
C PRO A 84 24.19 9.64 -7.36
N GLY A 85 25.31 10.28 -7.67
CA GLY A 85 26.05 11.03 -6.66
C GLY A 85 26.93 10.19 -5.77
N TYR A 86 26.84 8.87 -5.87
CA TYR A 86 27.67 7.94 -5.12
C TYR A 86 28.29 6.86 -5.99
N ALA A 87 27.55 6.37 -6.98
CA ALA A 87 28.11 5.41 -7.92
C ALA A 87 29.16 6.09 -8.80
N SER A 88 30.25 5.38 -9.06
CA SER A 88 31.33 5.90 -9.89
C SER A 88 32.06 4.72 -10.52
N PHE A 89 31.99 4.63 -11.84
CA PHE A 89 32.60 3.52 -12.57
C PHE A 89 33.79 4.01 -13.38
N VAL A 90 34.62 3.07 -13.80
CA VAL A 90 35.67 3.35 -14.77
C VAL A 90 35.08 3.18 -16.16
N HIS A 91 35.64 3.91 -17.13
CA HIS A 91 35.15 3.87 -18.50
C HIS A 91 36.08 3.13 -19.45
N GLU A 92 37.16 2.55 -18.94
CA GLU A 92 38.09 1.78 -19.76
C GLU A 92 38.30 0.39 -19.14
N PRO A 93 38.29 -0.66 -19.95
CA PRO A 93 38.48 -2.01 -19.41
C PRO A 93 39.86 -2.17 -18.79
N VAL A 94 39.99 -3.20 -17.95
CA VAL A 94 41.23 -3.52 -17.24
C VAL A 94 41.64 -4.94 -17.57
N GLU A 95 42.90 -5.11 -17.96
CA GLU A 95 43.41 -6.42 -18.33
C GLU A 95 43.65 -7.27 -17.09
N GLY A 96 43.27 -8.55 -17.18
CA GLY A 96 43.43 -9.48 -16.07
C GLY A 96 42.21 -9.66 -15.20
N THR A 97 41.13 -8.93 -15.46
CA THR A 97 39.90 -9.03 -14.68
C THR A 97 38.74 -9.36 -15.61
N GLU A 98 37.69 -9.95 -15.04
CA GLU A 98 36.45 -10.24 -15.78
C GLU A 98 35.69 -8.94 -15.95
N ASN A 99 35.77 -8.35 -17.14
CA ASN A 99 35.19 -7.04 -17.39
C ASN A 99 33.75 -7.19 -17.87
N VAL A 100 32.81 -6.62 -17.12
CA VAL A 100 31.40 -6.64 -17.45
C VAL A 100 30.91 -5.20 -17.53
N ALA A 101 30.17 -4.88 -18.59
CA ALA A 101 29.54 -3.57 -18.69
C ALA A 101 28.38 -3.48 -17.70
N THR A 102 27.99 -2.24 -17.39
CA THR A 102 26.96 -2.03 -16.38
C THR A 102 25.61 -2.60 -16.84
N PHE A 103 25.22 -2.32 -18.08
CA PHE A 103 23.90 -2.73 -18.56
C PHE A 103 23.80 -4.24 -18.70
N GLU A 104 24.93 -4.93 -18.90
CA GLU A 104 24.92 -6.39 -19.02
C GLU A 104 25.11 -7.09 -17.69
N PHE A 105 25.40 -6.35 -16.62
CA PHE A 105 25.68 -6.96 -15.32
C PHE A 105 24.53 -7.81 -14.80
N PRO A 106 23.26 -7.38 -14.83
CA PRO A 106 22.19 -8.29 -14.37
C PRO A 106 22.10 -9.56 -15.21
N LEU A 107 22.10 -9.43 -16.54
CA LEU A 107 22.04 -10.60 -17.39
C LEU A 107 23.26 -11.49 -17.22
N TRP A 108 24.40 -10.89 -16.88
CA TRP A 108 25.63 -11.66 -16.70
C TRP A 108 25.51 -12.62 -15.52
N VAL A 109 25.11 -12.10 -14.35
CA VAL A 109 25.15 -12.91 -13.14
C VAL A 109 24.03 -13.95 -13.15
N ALA A 110 22.90 -13.65 -13.78
CA ALA A 110 21.80 -14.62 -13.81
C ALA A 110 22.07 -15.74 -14.80
N ARG A 111 22.83 -15.47 -15.87
CA ARG A 111 23.08 -16.49 -16.87
C ARG A 111 24.02 -17.57 -16.36
N ASN A 112 24.98 -17.20 -15.51
CA ASN A 112 26.14 -18.05 -15.22
C ASN A 112 26.20 -18.60 -13.80
N PHE A 113 25.53 -17.97 -12.82
CA PHE A 113 25.71 -18.32 -11.43
C PHE A 113 24.44 -18.92 -10.84
N ASP A 114 24.61 -19.89 -9.95
CA ASP A 114 23.50 -20.64 -9.36
C ASP A 114 23.28 -20.33 -7.89
N SER A 115 24.06 -19.44 -7.28
CA SER A 115 23.90 -19.10 -5.87
C SER A 115 24.64 -17.81 -5.57
N VAL A 116 24.25 -17.17 -4.46
CA VAL A 116 24.88 -15.91 -4.05
C VAL A 116 26.33 -16.13 -3.66
N ASP A 117 26.65 -17.30 -3.11
CA ASP A 117 28.04 -17.61 -2.73
C ASP A 117 28.97 -17.55 -3.94
N GLU A 118 28.53 -18.06 -5.09
CA GLU A 118 29.35 -17.99 -6.29
C GLU A 118 29.51 -16.55 -6.76
N VAL A 119 28.51 -15.70 -6.52
CA VAL A 119 28.61 -14.30 -6.93
C VAL A 119 29.65 -13.56 -6.08
N GLU A 120 29.54 -13.68 -4.74
CA GLU A 120 30.51 -13.01 -3.87
C GLU A 120 31.93 -13.52 -4.11
N GLU A 121 32.07 -14.78 -4.54
CA GLU A 121 33.40 -15.31 -4.84
C GLU A 121 33.98 -14.71 -6.10
N THR A 122 33.17 -14.62 -7.17
CA THR A 122 33.66 -14.14 -8.46
C THR A 122 33.90 -12.64 -8.45
N LEU A 123 33.20 -11.89 -7.61
CA LEU A 123 33.26 -10.43 -7.66
C LEU A 123 34.64 -9.90 -7.29
N ARG A 124 35.47 -10.70 -6.63
CA ARG A 124 36.81 -10.25 -6.27
C ARG A 124 37.68 -9.97 -7.48
N ASN A 125 37.31 -10.49 -8.66
CA ASN A 125 38.06 -10.28 -9.90
C ASN A 125 37.09 -9.83 -10.99
N VAL A 126 36.41 -8.71 -10.75
CA VAL A 126 35.43 -8.16 -11.68
C VAL A 126 35.58 -6.65 -11.72
N THR A 127 35.56 -6.09 -12.93
CA THR A 127 35.59 -4.65 -13.14
C THR A 127 34.31 -4.24 -13.84
N LEU A 128 33.56 -3.32 -13.22
CA LEU A 128 32.32 -2.80 -13.78
C LEU A 128 32.65 -1.57 -14.63
N VAL A 129 32.42 -1.67 -15.93
CA VAL A 129 32.81 -0.62 -16.88
C VAL A 129 31.54 0.08 -17.37
N SER A 130 31.58 1.41 -17.37
CA SER A 130 30.46 2.23 -17.82
C SER A 130 30.79 2.79 -19.20
N GLN A 131 30.05 2.33 -20.21
CA GLN A 131 30.27 2.79 -21.58
C GLN A 131 29.47 4.05 -21.88
N GLN A 137 22.70 10.17 -20.75
CA GLN A 137 23.27 10.03 -19.41
C GLN A 137 23.55 8.57 -19.06
N GLU A 138 24.66 8.31 -18.37
CA GLU A 138 25.00 6.96 -17.97
C GLU A 138 24.22 6.55 -16.74
N SER A 139 23.92 5.26 -16.64
CA SER A 139 23.19 4.71 -15.50
C SER A 139 24.16 4.52 -14.32
N LEU A 140 23.87 5.18 -13.21
CA LEU A 140 24.67 5.06 -11.98
C LEU A 140 23.83 4.26 -10.98
N LEU A 141 24.14 2.98 -10.83
CA LEU A 141 23.32 2.07 -10.06
C LEU A 141 24.15 1.27 -9.07
N HIS A 142 23.47 0.74 -8.05
CA HIS A 142 23.95 -0.38 -7.26
C HIS A 142 22.98 -1.53 -7.42
N TRP A 143 23.37 -2.72 -6.96
CA TRP A 143 22.63 -3.93 -7.26
C TRP A 143 22.28 -4.69 -5.99
N PHE A 144 21.09 -5.29 -6.00
CA PHE A 144 20.57 -6.11 -4.90
C PHE A 144 20.48 -7.53 -5.42
N ILE A 145 21.32 -8.42 -4.90
CA ILE A 145 21.39 -9.80 -5.36
C ILE A 145 21.08 -10.72 -4.20
N GLY A 146 20.26 -11.73 -4.45
CA GLY A 146 19.89 -12.67 -3.40
C GLY A 146 19.33 -13.94 -3.97
N ASP A 147 19.35 -14.99 -3.13
CA ASP A 147 18.75 -16.27 -3.47
C ASP A 147 17.82 -16.73 -2.36
N GLY A 148 17.84 -18.02 -2.06
CA GLY A 148 17.02 -18.58 -1.00
C GLY A 148 17.67 -18.64 0.35
N LYS A 149 18.87 -18.06 0.50
CA LYS A 149 19.63 -18.14 1.73
C LYS A 149 19.95 -16.76 2.31
N ARG A 150 20.54 -15.88 1.52
CA ARG A 150 20.96 -14.56 1.98
C ARG A 150 20.90 -13.59 0.81
N SER A 151 21.37 -12.38 1.03
CA SER A 151 21.41 -11.37 -0.02
C SER A 151 22.62 -10.47 0.19
N ILE A 152 23.10 -9.88 -0.91
CA ILE A 152 24.28 -9.03 -0.90
C ILE A 152 23.96 -7.76 -1.69
N VAL A 153 24.72 -6.71 -1.39
CA VAL A 153 24.60 -5.41 -2.05
C VAL A 153 25.94 -5.10 -2.71
N VAL A 154 25.90 -4.68 -3.97
CA VAL A 154 27.10 -4.37 -4.74
C VAL A 154 27.10 -2.89 -5.06
N GLU A 155 27.99 -2.14 -4.40
CA GLU A 155 28.06 -0.69 -4.57
C GLU A 155 29.44 -0.35 -5.13
N GLN A 156 29.48 0.08 -6.38
CA GLN A 156 30.72 0.47 -7.05
C GLN A 156 30.85 1.99 -6.96
N MET A 157 31.79 2.45 -6.14
CA MET A 157 32.00 3.87 -5.91
C MET A 157 33.41 4.25 -6.34
N ALA A 158 33.72 5.54 -6.23
CA ALA A 158 35.01 6.07 -6.66
C ALA A 158 36.17 5.53 -5.82
N ASP A 159 35.90 4.84 -4.72
CA ASP A 159 36.94 4.27 -3.88
C ASP A 159 37.10 2.77 -4.07
N GLY A 160 36.32 2.17 -4.95
CA GLY A 160 36.39 0.74 -5.21
C GLY A 160 35.02 0.12 -5.20
N MET A 161 34.98 -1.20 -5.19
CA MET A 161 33.73 -1.94 -5.15
C MET A 161 33.52 -2.48 -3.74
N HIS A 162 32.33 -2.24 -3.19
CA HIS A 162 31.95 -2.72 -1.87
C HIS A 162 30.91 -3.82 -2.03
N VAL A 163 31.15 -4.96 -1.38
CA VAL A 163 30.22 -6.09 -1.40
C VAL A 163 29.75 -6.27 0.05
N HIS A 164 28.63 -5.63 0.37
CA HIS A 164 28.06 -5.69 1.72
C HIS A 164 27.19 -6.93 1.87
N HIS A 165 27.29 -7.57 3.04
CA HIS A 165 26.35 -8.62 3.40
C HIS A 165 25.09 -7.96 3.96
N ASP A 166 23.93 -8.24 3.33
CA ASP A 166 22.67 -7.55 3.64
C ASP A 166 21.85 -8.41 4.60
N ASP A 167 21.91 -8.06 5.89
CA ASP A 167 21.25 -8.88 6.91
C ASP A 167 19.76 -8.56 7.03
N VAL A 168 19.33 -7.35 6.65
CA VAL A 168 17.92 -7.00 6.65
C VAL A 168 17.23 -7.35 5.33
N ASP A 169 17.97 -7.87 4.34
CA ASP A 169 17.40 -8.35 3.09
C ASP A 169 16.58 -7.26 2.39
N VAL A 170 17.12 -6.05 2.36
CA VAL A 170 16.39 -4.86 1.91
C VAL A 170 17.39 -3.87 1.31
N LEU A 171 17.04 -3.28 0.18
CA LEU A 171 17.89 -2.28 -0.43
C LEU A 171 17.05 -1.10 -0.91
N THR A 172 17.67 0.08 -0.84
CA THR A 172 17.05 1.34 -1.25
C THR A 172 18.15 2.20 -1.87
N ASN A 173 17.75 3.31 -2.48
CA ASN A 173 18.67 4.24 -3.12
C ASN A 173 19.67 4.90 -2.16
N GLN A 174 20.05 6.14 -2.44
CA GLN A 174 21.11 6.81 -1.70
C GLN A 174 20.72 7.01 -0.24
N PRO A 175 21.71 7.15 0.67
CA PRO A 175 23.17 7.12 0.45
C PRO A 175 23.73 5.71 0.51
N THR A 176 24.97 5.57 1.00
CA THR A 176 25.64 4.28 0.98
C THR A 176 24.97 3.30 1.94
N PHE A 177 25.26 2.02 1.73
CA PHE A 177 24.66 0.98 2.56
C PHE A 177 25.11 1.09 4.02
N ASP A 178 26.34 1.56 4.25
CA ASP A 178 26.82 1.73 5.62
C ASP A 178 25.99 2.76 6.37
N PHE A 179 25.44 3.75 5.66
CA PHE A 179 24.59 4.73 6.32
C PHE A 179 23.28 4.11 6.76
N HIS A 180 22.59 3.42 5.84
CA HIS A 180 21.30 2.82 6.16
C HIS A 180 21.40 1.86 7.34
N MET A 181 22.47 1.06 7.39
CA MET A 181 22.61 0.12 8.49
C MET A 181 22.85 0.84 9.80
N GLU A 182 23.60 1.95 9.77
CA GLU A 182 23.80 2.72 11.00
C GLU A 182 22.52 3.45 11.38
N ASN A 183 21.75 3.90 10.39
CA ASN A 183 20.51 4.61 10.67
C ASN A 183 19.48 3.71 11.33
N LEU A 184 19.51 2.40 11.04
CA LEU A 184 18.54 1.48 11.62
C LEU A 184 18.66 1.43 13.14
N ARG A 185 19.85 1.69 13.69
CA ARG A 185 20.02 1.62 15.13
C ARG A 185 19.24 2.70 15.87
N ASN A 186 18.82 3.75 15.17
CA ASN A 186 17.99 4.78 15.80
C ASN A 186 16.59 4.27 16.13
N TYR A 187 16.16 3.17 15.50
CA TYR A 187 14.79 2.69 15.63
C TYR A 187 14.71 1.31 16.28
N MET A 188 15.75 0.90 16.99
CA MET A 188 15.80 -0.47 17.50
C MET A 188 14.73 -0.75 18.55
N CYS A 189 14.19 0.28 19.19
CA CYS A 189 13.17 0.12 20.22
C CYS A 189 11.76 0.02 19.67
N VAL A 190 11.55 0.36 18.41
CA VAL A 190 10.23 0.20 17.79
C VAL A 190 9.87 -1.28 17.77
N SER A 191 8.64 -1.58 18.19
CA SER A 191 8.17 -2.95 18.32
C SER A 191 6.81 -3.09 17.65
N ASN A 192 6.44 -4.35 17.38
CA ASN A 192 5.10 -4.68 16.90
C ASN A 192 4.20 -5.21 18.00
N GLU A 193 4.72 -5.33 19.22
CA GLU A 193 3.88 -5.70 20.36
C GLU A 193 2.88 -4.59 20.66
N MET A 194 1.73 -4.98 21.20
CA MET A 194 0.78 -3.99 21.68
C MET A 194 1.39 -3.22 22.85
N ALA A 195 1.27 -1.90 22.81
CA ALA A 195 1.92 -1.04 23.80
C ALA A 195 1.50 -1.41 25.21
N GLU A 196 2.49 -1.58 26.08
CA GLU A 196 2.23 -1.97 27.47
C GLU A 196 1.84 -0.74 28.29
N PRO A 197 0.73 -0.79 29.02
CA PRO A 197 0.31 0.38 29.82
C PRO A 197 1.40 0.76 30.81
N THR A 198 1.73 2.05 30.84
CA THR A 198 2.79 2.58 31.68
C THR A 198 2.29 3.81 32.41
N SER A 199 3.17 4.43 33.19
CA SER A 199 2.79 5.60 33.99
C SER A 199 3.90 6.63 33.94
N TRP A 200 3.53 7.89 33.69
CA TRP A 200 4.43 9.03 33.76
C TRP A 200 4.02 9.85 34.98
N GLY A 201 4.59 9.50 36.13
CA GLY A 201 4.10 10.07 37.38
C GLY A 201 2.77 9.46 37.75
N LYS A 202 1.78 10.30 38.03
CA LYS A 202 0.44 9.85 38.35
C LYS A 202 -0.42 9.62 37.11
N ALA A 203 0.12 9.88 35.92
CA ALA A 203 -0.64 9.76 34.68
C ALA A 203 -0.48 8.35 34.12
N SER A 204 -1.58 7.66 33.92
CA SER A 204 -1.57 6.33 33.31
C SER A 204 -1.78 6.48 31.82
N LEU A 205 -0.86 5.95 31.04
CA LEU A 205 -0.90 6.06 29.58
C LEU A 205 -1.23 4.69 28.98
N THR A 206 -2.29 4.64 28.19
CA THR A 206 -2.69 3.46 27.46
C THR A 206 -2.77 3.79 25.98
N ALA A 207 -2.71 2.76 25.15
CA ALA A 207 -2.77 2.93 23.70
C ALA A 207 -4.22 2.93 23.23
N TRP A 208 -4.50 3.73 22.20
CA TRP A 208 -5.83 3.70 21.59
C TRP A 208 -6.10 2.35 20.95
N GLY A 209 -5.06 1.66 20.49
CA GLY A 209 -5.17 0.37 19.85
C GLY A 209 -3.82 -0.12 19.39
N ALA A 210 -3.79 -0.97 18.36
CA ALA A 210 -2.53 -1.46 17.85
C ALA A 210 -1.84 -0.40 17.00
N GLY A 211 -0.52 -0.41 17.05
CA GLY A 211 0.31 0.46 16.26
C GLY A 211 1.13 1.45 17.06
N VAL A 212 0.75 1.71 18.32
CA VAL A 212 1.45 2.72 19.09
C VAL A 212 2.88 2.31 19.37
N GLY A 213 3.12 1.01 19.57
CA GLY A 213 4.47 0.52 19.77
C GLY A 213 5.37 0.71 18.57
N MET A 214 4.78 0.88 17.38
CA MET A 214 5.53 1.11 16.16
C MET A 214 5.80 2.60 15.92
N HIS A 215 5.29 3.47 16.77
CA HIS A 215 5.50 4.90 16.60
C HIS A 215 6.97 5.25 16.64
N GLY A 216 7.41 6.05 15.67
CA GLY A 216 8.82 6.32 15.50
C GLY A 216 9.29 6.07 14.08
N ILE A 217 8.69 5.09 13.42
CA ILE A 217 9.02 4.78 12.03
C ILE A 217 8.58 5.94 11.13
N PRO A 218 9.45 6.47 10.28
CA PRO A 218 9.05 7.58 9.40
C PRO A 218 8.08 7.11 8.33
N GLY A 219 7.32 8.08 7.81
CA GLY A 219 6.29 7.81 6.83
C GLY A 219 6.51 8.47 5.49
N ASP A 220 7.56 9.27 5.39
CA ASP A 220 7.89 9.93 4.13
C ASP A 220 8.51 8.93 3.16
N VAL A 221 8.51 9.28 1.87
CA VAL A 221 8.95 8.38 0.82
C VAL A 221 10.41 8.65 0.43
N SER A 222 11.14 9.43 1.21
CA SER A 222 12.55 9.63 0.92
C SER A 222 13.31 8.31 1.02
N SER A 223 14.50 8.29 0.40
CA SER A 223 15.26 7.06 0.32
C SER A 223 15.67 6.50 1.68
N PRO A 224 16.30 7.27 2.58
CA PRO A 224 16.67 6.68 3.88
C PRO A 224 15.47 6.26 4.72
N SER A 225 14.34 6.95 4.59
CA SER A 225 13.18 6.60 5.39
C SER A 225 12.42 5.41 4.83
N ARG A 226 12.42 5.24 3.50
CA ARG A 226 11.82 4.04 2.92
C ARG A 226 12.59 2.79 3.34
N PHE A 227 13.92 2.87 3.38
CA PHE A 227 14.71 1.73 3.82
C PHE A 227 14.31 1.29 5.22
N VAL A 228 14.14 2.25 6.14
CA VAL A 228 13.78 1.93 7.52
C VAL A 228 12.41 1.27 7.58
N ARG A 229 11.44 1.80 6.85
CA ARG A 229 10.07 1.30 6.95
C ARG A 229 9.95 -0.10 6.36
N VAL A 230 10.66 -0.38 5.25
CA VAL A 230 10.53 -1.69 4.62
C VAL A 230 11.44 -2.72 5.31
N ALA A 231 12.54 -2.29 5.92
CA ALA A 231 13.31 -3.19 6.76
C ALA A 231 12.49 -3.66 7.95
N TYR A 232 11.67 -2.77 8.53
CA TYR A 232 10.82 -3.15 9.65
C TYR A 232 9.75 -4.14 9.20
N THR A 233 9.07 -3.85 8.10
CA THR A 233 8.01 -4.72 7.61
C THR A 233 8.52 -6.10 7.26
N ASN A 234 9.65 -6.16 6.54
CA ASN A 234 10.21 -7.45 6.11
C ASN A 234 10.65 -8.29 7.31
N ALA A 235 11.26 -7.64 8.31
CA ALA A 235 11.77 -8.36 9.48
C ALA A 235 10.67 -8.85 10.42
N HIS A 236 9.50 -8.21 10.40
CA HIS A 236 8.43 -8.57 11.32
C HIS A 236 7.31 -9.36 10.66
N TYR A 237 7.28 -9.45 9.34
CA TYR A 237 6.26 -10.22 8.65
C TYR A 237 6.41 -11.70 9.01
N PRO A 238 5.38 -12.34 9.55
CA PRO A 238 5.51 -13.76 9.93
C PRO A 238 5.84 -14.62 8.72
N GLN A 239 6.61 -15.68 8.96
CA GLN A 239 7.02 -16.58 7.89
C GLN A 239 5.82 -17.36 7.37
N GLN A 240 5.77 -17.53 6.05
CA GLN A 240 4.72 -18.29 5.38
C GLN A 240 5.28 -19.57 4.81
N ASN A 241 4.37 -20.50 4.48
CA ASN A 241 4.77 -21.84 4.05
C ASN A 241 4.01 -22.30 2.81
N ASP A 242 3.57 -21.36 1.98
CA ASP A 242 2.97 -21.70 0.70
C ASP A 242 3.11 -20.52 -0.25
N GLU A 243 2.98 -20.81 -1.54
CA GLU A 243 3.31 -19.81 -2.57
C GLU A 243 2.33 -18.64 -2.55
N ALA A 244 1.04 -18.92 -2.36
CA ALA A 244 0.04 -17.86 -2.38
C ALA A 244 0.31 -16.81 -1.32
N ALA A 245 0.65 -17.24 -0.09
CA ALA A 245 0.89 -16.29 0.98
C ALA A 245 2.20 -15.53 0.79
N ASN A 246 3.23 -16.21 0.28
CA ASN A 246 4.51 -15.53 0.15
C ASN A 246 4.50 -14.50 -0.98
N VAL A 247 3.70 -14.73 -2.02
CA VAL A 247 3.52 -13.70 -3.03
C VAL A 247 2.77 -12.51 -2.43
N SER A 248 1.75 -12.77 -1.63
CA SER A 248 1.07 -11.71 -0.92
C SER A 248 2.02 -10.98 0.03
N ARG A 249 2.88 -11.73 0.71
CA ARG A 249 3.82 -11.11 1.64
C ARG A 249 4.76 -10.15 0.90
N LEU A 250 5.29 -10.59 -0.24
CA LEU A 250 6.26 -9.79 -0.98
C LEU A 250 5.60 -8.53 -1.54
N PHE A 251 4.39 -8.66 -2.08
CA PHE A 251 3.71 -7.51 -2.64
C PHE A 251 3.16 -6.58 -1.57
N HIS A 252 2.80 -7.11 -0.39
CA HIS A 252 2.37 -6.24 0.69
C HIS A 252 3.56 -5.54 1.34
N THR A 253 4.67 -6.26 1.50
CA THR A 253 5.88 -5.64 2.06
C THR A 253 6.38 -4.51 1.17
N LEU A 254 6.33 -4.70 -0.15
CA LEU A 254 6.76 -3.66 -1.06
C LEU A 254 5.75 -2.51 -1.12
N GLY A 255 4.46 -2.82 -0.95
CA GLY A 255 3.45 -1.77 -0.95
C GLY A 255 3.56 -0.81 0.21
N SER A 256 4.25 -1.21 1.28
CA SER A 256 4.38 -0.34 2.45
C SER A 256 5.28 0.86 2.17
N VAL A 257 6.07 0.84 1.10
CA VAL A 257 6.93 1.95 0.72
C VAL A 257 6.60 2.45 -0.68
N GLN A 258 5.39 2.18 -1.17
CA GLN A 258 5.02 2.61 -2.50
C GLN A 258 4.93 4.13 -2.57
N MET A 259 5.14 4.66 -3.77
CA MET A 259 5.09 6.10 -4.03
C MET A 259 3.77 6.42 -4.72
N VAL A 260 2.87 7.07 -3.99
CA VAL A 260 1.56 7.43 -4.52
C VAL A 260 1.66 8.78 -5.21
N ASP A 261 0.97 8.92 -6.35
CA ASP A 261 0.96 10.16 -7.11
C ASP A 261 0.60 11.34 -6.24
N GLY A 262 1.47 12.35 -6.21
CA GLY A 262 1.27 13.55 -5.43
C GLY A 262 2.12 13.66 -4.19
N MET A 263 2.84 12.61 -3.82
CA MET A 263 3.58 12.61 -2.56
C MET A 263 4.86 13.43 -2.62
N ALA A 264 5.59 13.35 -3.74
CA ALA A 264 6.86 14.06 -3.87
C ALA A 264 7.21 14.21 -5.34
N LYS A 265 7.60 15.44 -5.72
CA LYS A 265 8.02 15.72 -7.08
C LYS A 265 9.50 15.38 -7.26
N MET A 266 9.99 15.49 -8.50
CA MET A 266 11.39 15.34 -8.81
C MET A 266 12.00 16.74 -9.03
N GLY A 267 13.20 16.77 -9.61
CA GLY A 267 13.75 18.03 -10.09
C GLY A 267 13.13 18.47 -11.40
N ASP A 268 12.62 17.52 -12.20
CA ASP A 268 11.92 17.86 -13.43
C ASP A 268 10.54 18.43 -13.18
N GLY A 269 10.00 18.25 -11.97
CA GLY A 269 8.67 18.72 -11.63
C GLY A 269 7.62 17.64 -11.59
N GLN A 270 7.89 16.47 -12.18
CA GLN A 270 6.93 15.39 -12.19
C GLN A 270 6.98 14.62 -10.87
N PHE A 271 5.94 13.84 -10.62
CA PHE A 271 5.81 13.09 -9.38
C PHE A 271 6.46 11.72 -9.50
N GLU A 272 7.13 11.31 -8.42
CA GLU A 272 7.65 9.95 -8.30
C GLU A 272 6.49 9.01 -7.97
N ARG A 273 6.28 8.00 -8.82
CA ARG A 273 5.23 7.02 -8.57
C ARG A 273 5.76 5.62 -8.81
N THR A 274 5.38 4.69 -7.95
CA THR A 274 5.69 3.28 -8.17
C THR A 274 4.95 2.80 -9.40
N LEU A 275 5.62 2.84 -10.55
CA LEU A 275 4.94 2.52 -11.80
C LEU A 275 4.62 1.04 -11.90
N PHE A 276 5.52 0.16 -11.45
CA PHE A 276 5.22 -1.25 -11.41
C PHE A 276 5.94 -1.90 -10.24
N THR A 277 5.51 -3.13 -9.93
CA THR A 277 6.07 -3.91 -8.83
C THR A 277 6.27 -5.33 -9.33
N SER A 278 7.51 -5.76 -9.47
CA SER A 278 7.82 -7.09 -9.98
C SER A 278 8.29 -7.99 -8.84
N GLY A 279 8.06 -9.29 -9.02
CA GLY A 279 8.49 -10.27 -8.04
C GLY A 279 8.95 -11.55 -8.71
N TYR A 280 9.44 -12.48 -7.89
CA TYR A 280 9.91 -13.76 -8.38
C TYR A 280 9.87 -14.78 -7.26
N SER A 281 9.42 -16.00 -7.58
CA SER A 281 9.42 -17.12 -6.65
C SER A 281 10.18 -18.29 -7.29
N SER A 282 11.19 -18.79 -6.57
CA SER A 282 11.94 -19.94 -7.06
C SER A 282 11.22 -21.26 -6.83
N LYS A 283 10.26 -21.30 -5.89
CA LYS A 283 9.51 -22.53 -5.66
C LYS A 283 8.71 -22.92 -6.89
N THR A 284 8.21 -21.94 -7.63
CA THR A 284 7.44 -22.17 -8.84
C THR A 284 8.15 -21.68 -10.09
N ASN A 285 9.29 -21.01 -9.96
CA ASN A 285 10.03 -20.45 -11.09
C ASN A 285 9.13 -19.53 -11.92
N THR A 286 8.44 -18.63 -11.22
CA THR A 286 7.46 -17.74 -11.84
C THR A 286 7.81 -16.30 -11.52
N TYR A 287 7.56 -15.41 -12.48
CA TYR A 287 7.71 -13.97 -12.30
C TYR A 287 6.34 -13.31 -12.16
N TYR A 288 6.22 -12.42 -11.18
CA TYR A 288 4.97 -11.70 -10.95
C TYR A 288 5.18 -10.21 -11.16
N MET A 289 4.11 -9.53 -11.57
CA MET A 289 4.21 -8.11 -11.86
C MET A 289 2.81 -7.49 -11.85
N ASN A 290 2.70 -6.30 -11.28
CA ASN A 290 1.52 -5.46 -11.44
C ASN A 290 1.99 -4.02 -11.66
N THR A 291 1.08 -3.17 -12.10
CA THR A 291 1.39 -1.79 -12.42
C THR A 291 0.56 -0.85 -11.55
N TYR A 292 0.93 0.44 -11.59
CA TYR A 292 0.20 1.45 -10.83
C TYR A 292 -1.26 1.52 -11.25
N ASP A 293 -1.55 1.30 -12.53
CA ASP A 293 -2.90 1.39 -13.06
C ASP A 293 -3.67 0.06 -13.00
N ASP A 294 -3.06 -0.98 -12.43
CA ASP A 294 -3.71 -2.27 -12.32
C ASP A 294 -3.06 -3.10 -11.23
N PRO A 295 -3.67 -3.20 -10.05
CA PRO A 295 -3.09 -3.99 -8.96
C PRO A 295 -3.22 -5.49 -9.13
N ALA A 296 -3.88 -5.95 -10.18
CA ALA A 296 -3.99 -7.38 -10.44
C ALA A 296 -2.61 -7.96 -10.68
N ILE A 297 -2.33 -9.10 -10.05
CA ILE A 297 -1.01 -9.70 -10.07
C ILE A 297 -0.96 -10.72 -11.20
N ARG A 298 -0.28 -10.36 -12.29
CA ARG A 298 -0.09 -11.26 -13.42
C ARG A 298 1.13 -12.14 -13.17
N SER A 299 1.06 -13.38 -13.65
CA SER A 299 2.10 -14.37 -13.44
C SER A 299 2.64 -14.86 -14.77
N TYR A 300 3.96 -15.12 -14.81
CA TYR A 300 4.64 -15.58 -16.02
C TYR A 300 5.60 -16.71 -15.61
N ALA A 301 5.19 -17.95 -15.86
CA ALA A 301 5.95 -19.10 -15.44
C ALA A 301 7.08 -19.42 -16.41
N MET A 302 8.13 -20.04 -15.90
CA MET A 302 9.25 -20.45 -16.75
C MET A 302 8.91 -21.67 -17.58
N ALA A 303 8.07 -22.57 -17.05
CA ALA A 303 7.68 -23.78 -17.77
C ALA A 303 6.67 -23.52 -18.88
N ASP A 304 6.32 -22.26 -19.14
CA ASP A 304 5.42 -21.90 -20.22
C ASP A 304 6.13 -21.30 -21.42
N TYR A 305 7.46 -21.17 -21.36
CA TYR A 305 8.25 -20.66 -22.47
C TYR A 305 9.30 -21.71 -22.85
N ASP A 306 9.62 -21.77 -24.14
CA ASP A 306 10.64 -22.68 -24.65
C ASP A 306 12.02 -22.16 -24.24
N MET A 307 12.62 -22.78 -23.23
CA MET A 307 13.89 -22.29 -22.72
C MET A 307 15.07 -22.67 -23.59
N ASP A 308 14.98 -23.78 -24.32
CA ASP A 308 16.02 -24.19 -25.26
C ASP A 308 15.93 -23.44 -26.58
N SER A 309 15.02 -22.47 -26.70
CA SER A 309 14.94 -21.62 -27.88
C SER A 309 16.15 -20.69 -27.92
N SER A 310 16.21 -19.85 -28.96
CA SER A 310 17.40 -19.06 -29.22
C SER A 310 17.10 -17.59 -29.46
N GLU A 311 15.92 -17.12 -29.08
CA GLU A 311 15.56 -15.72 -29.30
C GLU A 311 14.83 -15.18 -28.08
N LEU A 312 15.11 -13.93 -27.74
CA LEU A 312 14.42 -13.27 -26.65
C LEU A 312 12.95 -13.06 -27.02
N ILE A 313 12.05 -13.45 -26.12
CA ILE A 313 10.62 -13.24 -26.29
C ILE A 313 10.18 -12.16 -25.30
N SER A 314 9.59 -11.09 -25.82
CA SER A 314 9.14 -9.97 -25.03
C SER A 314 7.62 -9.95 -25.06
N VAL A 315 7.01 -10.52 -24.02
CA VAL A 315 5.55 -10.63 -23.94
C VAL A 315 4.97 -9.33 -23.41
N ALA A 316 3.85 -8.89 -23.99
CA ALA A 316 3.17 -7.66 -23.56
C ALA A 316 1.98 -7.96 -22.66
N CYS B 2 -8.61 1.76 11.01
CA CYS B 2 -9.34 1.86 9.75
C CYS B 2 -9.37 3.27 9.24
N THR B 3 -9.65 3.42 7.95
CA THR B 3 -9.55 4.71 7.29
C THR B 3 -10.66 4.84 6.26
N GLY B 4 -11.32 5.99 6.26
CA GLY B 4 -12.30 6.33 5.23
C GLY B 4 -11.77 7.51 4.43
N VAL B 5 -12.05 7.49 3.13
CA VAL B 5 -11.52 8.49 2.20
C VAL B 5 -12.64 8.95 1.29
N ARG B 6 -12.67 10.26 1.00
CA ARG B 6 -13.63 10.82 0.06
C ARG B 6 -12.98 11.93 -0.75
N PHE B 7 -13.20 11.90 -2.06
CA PHE B 7 -12.79 12.98 -2.95
C PHE B 7 -13.74 13.00 -4.13
N SER B 8 -13.42 13.84 -5.12
CA SER B 8 -14.29 13.99 -6.29
C SER B 8 -13.43 14.33 -7.51
N ASP B 9 -14.03 14.16 -8.68
CA ASP B 9 -13.40 14.53 -9.94
C ASP B 9 -13.83 15.94 -10.32
N ASP B 10 -13.72 16.29 -11.61
CA ASP B 10 -14.10 17.63 -12.05
C ASP B 10 -15.60 17.80 -12.23
N GLU B 11 -16.34 16.70 -12.40
CA GLU B 11 -17.78 16.77 -12.64
C GLU B 11 -18.62 16.74 -11.36
N GLY B 12 -17.99 16.55 -10.21
CA GLY B 12 -18.72 16.54 -8.95
C GLY B 12 -19.22 15.19 -8.49
N ASN B 13 -18.73 14.09 -9.09
CA ASN B 13 -19.15 12.76 -8.68
C ASN B 13 -18.54 12.42 -7.32
N THR B 14 -19.00 11.30 -6.75
CA THR B 14 -18.57 10.87 -5.43
C THR B 14 -17.60 9.70 -5.56
N TYR B 15 -16.45 9.82 -4.92
CA TYR B 15 -15.50 8.70 -4.81
C TYR B 15 -15.21 8.51 -3.32
N PHE B 16 -15.64 7.36 -2.80
CA PHE B 16 -15.68 7.11 -1.36
C PHE B 16 -15.19 5.70 -1.10
N GLY B 17 -14.35 5.54 -0.07
CA GLY B 17 -13.78 4.24 0.20
C GLY B 17 -13.30 4.11 1.63
N ARG B 18 -13.24 2.87 2.10
CA ARG B 18 -12.82 2.59 3.46
C ARG B 18 -11.90 1.38 3.49
N ASN B 19 -10.99 1.40 4.46
CA ASN B 19 -10.16 0.25 4.80
C ASN B 19 -10.72 -0.40 6.05
N LEU B 20 -10.89 -1.73 6.02
CA LEU B 20 -11.33 -2.48 7.20
C LEU B 20 -10.13 -3.22 7.77
N ASP B 21 -9.61 -2.72 8.89
CA ASP B 21 -8.47 -3.31 9.57
C ASP B 21 -8.96 -4.10 10.78
N TRP B 22 -8.66 -5.40 10.80
CA TRP B 22 -9.07 -6.27 11.89
C TRP B 22 -8.23 -7.55 11.82
N SER B 23 -8.39 -8.40 12.83
CA SER B 23 -7.65 -9.65 12.89
C SER B 23 -8.47 -10.87 12.45
N PHE B 24 -9.79 -10.73 12.33
CA PHE B 24 -10.63 -11.81 11.87
C PHE B 24 -11.82 -11.23 11.13
N SER B 25 -12.45 -12.05 10.30
CA SER B 25 -13.58 -11.63 9.50
C SER B 25 -14.89 -11.92 10.22
N TYR B 26 -15.94 -11.19 9.82
CA TYR B 26 -17.29 -11.37 10.36
C TYR B 26 -18.22 -12.03 9.36
N GLY B 27 -17.71 -12.45 8.21
CA GLY B 27 -18.58 -12.98 7.17
C GLY B 27 -19.20 -11.92 6.29
N GLU B 28 -18.54 -10.77 6.16
CA GLU B 28 -19.08 -9.68 5.36
C GLU B 28 -19.14 -10.07 3.88
N THR B 29 -19.98 -9.35 3.15
CA THR B 29 -20.13 -9.57 1.71
C THR B 29 -20.80 -8.36 1.09
N ILE B 30 -20.72 -8.27 -0.23
CA ILE B 30 -21.43 -7.22 -0.95
C ILE B 30 -22.93 -7.47 -0.79
N LEU B 31 -23.65 -6.48 -0.29
CA LEU B 31 -25.06 -6.61 0.07
C LEU B 31 -25.90 -5.67 -0.78
N VAL B 32 -26.92 -6.23 -1.42
CA VAL B 32 -27.89 -5.45 -2.18
C VAL B 32 -29.15 -5.29 -1.34
N THR B 33 -29.62 -4.05 -1.19
CA THR B 33 -30.89 -3.75 -0.52
C THR B 33 -31.75 -2.99 -1.51
N PRO B 34 -32.61 -3.70 -2.26
CA PRO B 34 -33.37 -3.04 -3.34
C PRO B 34 -34.44 -2.11 -2.79
N ARG B 35 -35.01 -1.31 -3.70
CA ARG B 35 -36.02 -0.33 -3.32
C ARG B 35 -37.30 -1.00 -2.82
N GLY B 36 -37.62 -2.18 -3.35
CA GLY B 36 -38.82 -2.89 -2.95
C GLY B 36 -38.72 -3.65 -1.65
N TYR B 37 -37.54 -3.69 -1.02
CA TYR B 37 -37.40 -4.34 0.26
C TYR B 37 -38.09 -3.52 1.35
N HIS B 38 -38.78 -4.19 2.25
CA HIS B 38 -39.52 -3.55 3.33
C HIS B 38 -38.72 -3.66 4.62
N TYR B 39 -38.31 -2.51 5.15
CA TYR B 39 -37.55 -2.44 6.39
C TYR B 39 -38.42 -1.82 7.47
N ASP B 40 -38.66 -2.58 8.54
CA ASP B 40 -39.39 -2.09 9.71
C ASP B 40 -38.36 -1.63 10.73
N THR B 41 -38.14 -0.31 10.79
CA THR B 41 -37.13 0.25 11.69
C THR B 41 -37.41 -0.16 13.13
N VAL B 42 -36.33 -0.25 13.92
CA VAL B 42 -36.44 -0.74 15.28
C VAL B 42 -37.23 0.23 16.16
N PHE B 43 -37.01 1.52 16.00
CA PHE B 43 -37.55 2.52 16.91
C PHE B 43 -38.49 3.50 16.21
N GLY B 44 -39.04 3.12 15.06
CA GLY B 44 -40.04 3.94 14.40
C GLY B 44 -39.50 5.14 13.66
N ALA B 45 -38.25 5.09 13.22
CA ALA B 45 -37.69 6.22 12.48
C ALA B 45 -38.37 6.38 11.13
N GLY B 46 -38.57 7.64 10.74
CA GLY B 46 -39.26 7.91 9.49
C GLY B 46 -38.34 7.75 8.29
N GLY B 47 -38.94 7.39 7.15
CA GLY B 47 -38.18 7.11 5.95
C GLY B 47 -38.78 7.77 4.73
N LYS B 48 -38.06 7.62 3.62
CA LYS B 48 -38.48 8.21 2.35
C LYS B 48 -39.72 7.51 1.81
N ALA B 49 -40.48 8.22 0.98
CA ALA B 49 -41.62 7.62 0.31
C ALA B 49 -41.16 6.60 -0.74
N LYS B 50 -40.38 7.05 -1.71
CA LYS B 50 -39.71 6.17 -2.66
C LYS B 50 -38.27 5.99 -2.22
N PRO B 51 -37.95 4.94 -1.46
CA PRO B 51 -36.63 4.81 -0.85
C PRO B 51 -35.53 4.61 -1.91
N ASN B 52 -34.32 5.00 -1.54
CA ASN B 52 -33.19 4.86 -2.43
C ASN B 52 -32.66 3.42 -2.42
N ALA B 53 -32.31 2.93 -3.60
CA ALA B 53 -31.61 1.66 -3.71
C ALA B 53 -30.17 1.82 -3.27
N VAL B 54 -29.72 0.95 -2.37
CA VAL B 54 -28.41 1.09 -1.76
C VAL B 54 -27.56 -0.14 -2.05
N ILE B 55 -26.25 0.06 -1.99
CA ILE B 55 -25.26 -0.98 -2.20
C ILE B 55 -24.12 -0.77 -1.22
N GLY B 56 -23.54 -1.87 -0.75
CA GLY B 56 -22.42 -1.77 0.17
C GLY B 56 -21.97 -3.13 0.65
N VAL B 57 -21.17 -3.12 1.70
CA VAL B 57 -20.59 -4.31 2.29
C VAL B 57 -21.12 -4.48 3.70
N GLY B 58 -21.62 -5.67 4.01
CA GLY B 58 -22.06 -5.94 5.36
C GLY B 58 -22.59 -7.36 5.48
N VAL B 59 -23.23 -7.63 6.63
CA VAL B 59 -23.82 -8.92 6.91
C VAL B 59 -25.33 -8.74 7.04
N VAL B 60 -26.03 -9.86 7.19
CA VAL B 60 -27.47 -9.86 7.46
C VAL B 60 -27.73 -10.56 8.78
N MET B 61 -28.63 -9.99 9.58
CA MET B 61 -28.98 -10.54 10.88
C MET B 61 -30.44 -10.22 11.15
N ALA B 62 -31.25 -11.26 11.43
CA ALA B 62 -32.69 -11.12 11.56
C ALA B 62 -33.32 -10.50 10.32
N ASP B 63 -32.78 -10.82 9.15
CA ASP B 63 -33.24 -10.28 7.86
C ASP B 63 -33.10 -8.75 7.80
N ARG B 64 -32.07 -8.22 8.46
CA ARG B 64 -31.78 -6.79 8.43
C ARG B 64 -30.34 -6.59 7.99
N PRO B 65 -30.09 -5.77 6.96
CA PRO B 65 -28.71 -5.55 6.50
C PRO B 65 -27.90 -4.68 7.44
N MET B 66 -26.90 -5.27 8.09
CA MET B 66 -25.95 -4.54 8.92
C MET B 66 -24.76 -4.13 8.05
N TYR B 67 -24.81 -2.92 7.53
CA TYR B 67 -23.79 -2.45 6.60
C TYR B 67 -22.55 -1.97 7.35
N PHE B 68 -21.38 -2.49 6.96
CA PHE B 68 -20.13 -1.87 7.39
C PHE B 68 -19.97 -0.52 6.72
N ASP B 69 -20.37 -0.43 5.46
CA ASP B 69 -20.33 0.78 4.65
C ASP B 69 -21.25 0.54 3.48
N CYS B 70 -21.87 1.61 2.99
CA CYS B 70 -22.82 1.48 1.89
C CYS B 70 -23.05 2.84 1.24
N ALA B 71 -23.65 2.80 0.05
CA ALA B 71 -23.99 4.00 -0.69
C ALA B 71 -25.23 3.74 -1.52
N ASN B 72 -25.93 4.81 -1.89
CA ASN B 72 -27.17 4.72 -2.64
C ASN B 72 -26.96 5.20 -4.07
N GLU B 73 -28.04 5.16 -4.84
CA GLU B 73 -27.99 5.47 -6.27
C GLU B 73 -27.84 6.97 -6.55
N HIS B 74 -27.71 7.81 -5.52
CA HIS B 74 -27.60 9.25 -5.70
C HIS B 74 -26.26 9.80 -5.25
N GLY B 75 -25.28 8.94 -4.98
CA GLY B 75 -23.95 9.41 -4.66
C GLY B 75 -23.75 9.82 -3.22
N LEU B 76 -24.43 9.18 -2.28
CA LEU B 76 -24.26 9.43 -0.86
C LEU B 76 -23.78 8.15 -0.20
N ALA B 77 -22.70 8.24 0.57
CA ALA B 77 -22.08 7.07 1.18
C ALA B 77 -21.81 7.32 2.66
N ILE B 78 -21.78 6.23 3.42
CA ILE B 78 -21.53 6.26 4.85
C ILE B 78 -20.75 5.00 5.22
N ALA B 79 -19.85 5.15 6.20
CA ALA B 79 -19.09 4.02 6.72
C ALA B 79 -18.98 4.16 8.23
N GLY B 80 -19.02 3.03 8.93
CA GLY B 80 -18.85 3.00 10.37
C GLY B 80 -17.47 2.54 10.75
N LEU B 81 -16.79 3.36 11.55
CA LEU B 81 -15.44 3.06 12.03
C LEU B 81 -15.44 2.93 13.55
N ASN B 82 -14.57 2.07 14.05
CA ASN B 82 -14.52 1.80 15.48
C ASN B 82 -14.14 3.06 16.26
N PHE B 83 -14.84 3.30 17.36
CA PHE B 83 -14.62 4.47 18.19
C PHE B 83 -14.81 4.17 19.67
N PRO B 84 -14.24 3.07 20.20
CA PRO B 84 -14.48 2.73 21.60
C PRO B 84 -13.68 3.61 22.54
N GLY B 85 -14.23 3.78 23.75
CA GLY B 85 -13.65 4.67 24.73
C GLY B 85 -14.02 6.13 24.56
N TYR B 86 -14.71 6.47 23.49
CA TYR B 86 -15.21 7.82 23.23
C TYR B 86 -16.67 7.81 22.83
N ALA B 87 -17.09 6.85 22.02
CA ALA B 87 -18.49 6.75 21.64
C ALA B 87 -19.33 6.33 22.85
N SER B 88 -20.47 6.99 23.02
CA SER B 88 -21.40 6.65 24.09
C SER B 88 -22.81 6.91 23.58
N PHE B 89 -23.69 5.94 23.75
CA PHE B 89 -25.05 6.03 23.23
C PHE B 89 -26.06 5.76 24.33
N VAL B 90 -27.23 6.40 24.22
CA VAL B 90 -28.33 6.02 25.08
C VAL B 90 -28.91 4.69 24.61
N HIS B 91 -29.57 3.99 25.55
CA HIS B 91 -30.17 2.70 25.27
C HIS B 91 -31.70 2.75 25.30
N GLU B 92 -32.28 3.95 25.22
CA GLU B 92 -33.73 4.14 25.18
C GLU B 92 -34.06 5.21 24.14
N PRO B 93 -35.15 5.05 23.41
CA PRO B 93 -35.53 6.09 22.44
C PRO B 93 -36.04 7.33 23.14
N VAL B 94 -35.85 8.47 22.48
CA VAL B 94 -36.26 9.77 23.01
C VAL B 94 -37.48 10.22 22.22
N GLU B 95 -38.60 10.40 22.92
CA GLU B 95 -39.83 10.82 22.26
C GLU B 95 -39.68 12.23 21.72
N GLY B 96 -40.20 12.45 20.51
CA GLY B 96 -40.10 13.73 19.84
C GLY B 96 -38.94 13.85 18.85
N THR B 97 -38.06 12.85 18.80
CA THR B 97 -36.94 12.87 17.87
C THR B 97 -36.94 11.58 17.05
N GLU B 98 -36.19 11.59 15.96
CA GLU B 98 -36.02 10.40 15.13
C GLU B 98 -35.05 9.45 15.82
N ASN B 99 -35.53 8.25 16.13
CA ASN B 99 -34.75 7.26 16.88
C ASN B 99 -34.28 6.18 15.92
N VAL B 100 -32.98 6.16 15.66
CA VAL B 100 -32.35 5.20 14.77
C VAL B 100 -31.34 4.39 15.57
N ALA B 101 -31.43 3.07 15.49
CA ALA B 101 -30.44 2.24 16.16
C ALA B 101 -29.07 2.39 15.49
N THR B 102 -28.03 2.01 16.24
CA THR B 102 -26.67 2.16 15.74
C THR B 102 -26.44 1.29 14.51
N PHE B 103 -26.90 0.04 14.54
CA PHE B 103 -26.64 -0.86 13.42
C PHE B 103 -27.43 -0.49 12.18
N GLU B 104 -28.57 0.17 12.35
CA GLU B 104 -29.40 0.60 11.23
C GLU B 104 -29.01 1.97 10.69
N PHE B 105 -28.16 2.70 11.41
CA PHE B 105 -27.75 4.04 10.98
C PHE B 105 -27.20 4.06 9.56
N PRO B 106 -26.24 3.21 9.17
CA PRO B 106 -25.75 3.29 7.78
C PRO B 106 -26.83 2.99 6.75
N LEU B 107 -27.68 1.99 7.02
CA LEU B 107 -28.81 1.72 6.15
C LEU B 107 -29.76 2.92 6.10
N TRP B 108 -30.04 3.52 7.25
CA TRP B 108 -31.09 4.52 7.34
C TRP B 108 -30.76 5.76 6.53
N VAL B 109 -29.54 6.27 6.64
CA VAL B 109 -29.17 7.48 5.90
C VAL B 109 -29.05 7.23 4.42
N ALA B 110 -28.80 5.99 4.00
CA ALA B 110 -28.63 5.70 2.58
C ALA B 110 -29.95 5.57 1.86
N ARG B 111 -30.97 5.04 2.54
CA ARG B 111 -32.27 4.81 1.91
C ARG B 111 -33.06 6.10 1.72
N ASN B 112 -32.92 7.05 2.65
CA ASN B 112 -33.85 8.17 2.75
C ASN B 112 -33.23 9.52 2.42
N PHE B 113 -31.97 9.57 2.00
CA PHE B 113 -31.31 10.86 1.79
C PHE B 113 -30.53 10.83 0.49
N ASP B 114 -30.36 12.03 -0.09
CA ASP B 114 -29.72 12.18 -1.38
C ASP B 114 -28.47 13.05 -1.33
N SER B 115 -28.26 13.83 -0.26
CA SER B 115 -27.09 14.69 -0.19
C SER B 115 -26.69 14.85 1.27
N VAL B 116 -25.45 15.31 1.48
CA VAL B 116 -24.95 15.52 2.83
C VAL B 116 -25.72 16.66 3.51
N ASP B 117 -26.15 17.66 2.73
CA ASP B 117 -26.94 18.76 3.29
C ASP B 117 -28.26 18.24 3.86
N GLU B 118 -28.96 17.40 3.11
CA GLU B 118 -30.16 16.76 3.62
C GLU B 118 -29.86 15.97 4.89
N VAL B 119 -28.72 15.30 4.92
CA VAL B 119 -28.34 14.51 6.09
C VAL B 119 -28.09 15.43 7.29
N GLU B 120 -27.12 16.34 7.16
CA GLU B 120 -26.72 17.19 8.28
C GLU B 120 -27.89 17.92 8.93
N GLU B 121 -28.93 18.23 8.15
CA GLU B 121 -30.09 18.90 8.72
C GLU B 121 -30.86 17.98 9.66
N THR B 122 -31.05 16.72 9.26
CA THR B 122 -31.90 15.82 10.03
C THR B 122 -31.23 15.37 11.32
N LEU B 123 -29.89 15.35 11.38
CA LEU B 123 -29.23 14.97 12.62
C LEU B 123 -29.60 15.87 13.77
N ARG B 124 -30.09 17.08 13.49
CA ARG B 124 -30.51 17.99 14.55
C ARG B 124 -31.64 17.40 15.39
N ASN B 125 -32.37 16.42 14.88
CA ASN B 125 -33.48 15.78 15.57
C ASN B 125 -33.37 14.26 15.52
N VAL B 126 -32.16 13.75 15.81
CA VAL B 126 -31.87 12.33 15.71
C VAL B 126 -31.24 11.86 17.03
N THR B 127 -31.55 10.63 17.43
CA THR B 127 -30.95 10.01 18.61
C THR B 127 -30.52 8.59 18.23
N LEU B 128 -29.21 8.34 18.19
CA LEU B 128 -28.71 6.98 17.99
C LEU B 128 -28.84 6.20 19.28
N VAL B 129 -29.56 5.09 19.22
CA VAL B 129 -29.81 4.24 20.37
C VAL B 129 -29.03 2.95 20.18
N SER B 130 -28.18 2.63 21.15
CA SER B 130 -27.38 1.41 21.11
C SER B 130 -28.23 0.25 21.60
N GLN B 131 -28.65 -0.61 20.67
CA GLN B 131 -29.36 -1.84 21.01
C GLN B 131 -28.38 -3.01 20.88
N ILE B 132 -28.08 -3.65 22.00
CA ILE B 132 -27.14 -4.76 22.02
C ILE B 132 -27.72 -5.93 21.22
N VAL B 133 -27.03 -6.29 20.13
CA VAL B 133 -27.44 -7.47 19.36
C VAL B 133 -27.30 -8.70 20.25
N PRO B 134 -28.29 -9.59 20.28
CA PRO B 134 -28.27 -10.69 21.28
C PRO B 134 -26.96 -11.46 21.35
N GLY B 135 -26.44 -11.95 20.22
CA GLY B 135 -25.24 -12.74 20.23
C GLY B 135 -23.94 -11.99 20.05
N GLN B 136 -23.99 -10.68 19.81
CA GLN B 136 -22.81 -9.88 19.50
C GLN B 136 -22.51 -8.91 20.64
N GLN B 137 -21.49 -8.10 20.42
CA GLN B 137 -21.05 -7.10 21.39
C GLN B 137 -21.59 -5.73 21.03
N GLU B 138 -21.45 -4.78 21.95
CA GLU B 138 -21.89 -3.41 21.69
C GLU B 138 -20.93 -2.76 20.70
N SER B 139 -21.48 -2.19 19.63
CA SER B 139 -20.68 -1.53 18.61
C SER B 139 -20.58 -0.05 18.96
N LEU B 140 -19.37 0.39 19.32
CA LEU B 140 -19.10 1.80 19.64
C LEU B 140 -18.38 2.41 18.43
N LEU B 141 -19.16 2.96 17.50
CA LEU B 141 -18.64 3.46 16.24
C LEU B 141 -18.93 4.95 16.10
N HIS B 142 -18.10 5.61 15.28
CA HIS B 142 -18.44 6.89 14.68
C HIS B 142 -18.50 6.70 13.18
N TRP B 143 -19.16 7.62 12.49
CA TRP B 143 -19.51 7.42 11.09
C TRP B 143 -18.92 8.53 10.22
N PHE B 144 -18.65 8.17 8.97
CA PHE B 144 -18.03 9.04 7.99
C PHE B 144 -18.97 9.11 6.79
N ILE B 145 -19.62 10.26 6.62
CA ILE B 145 -20.60 10.45 5.55
C ILE B 145 -20.07 11.51 4.60
N GLY B 146 -20.29 11.29 3.31
CA GLY B 146 -19.87 12.25 2.31
C GLY B 146 -20.53 12.01 0.98
N ASP B 147 -20.48 13.03 0.12
CA ASP B 147 -21.00 12.93 -1.23
C ASP B 147 -20.00 13.50 -2.24
N GLY B 148 -20.49 13.99 -3.37
CA GLY B 148 -19.63 14.60 -4.37
C GLY B 148 -19.25 16.03 -4.11
N LYS B 149 -19.52 16.55 -2.90
CA LYS B 149 -19.25 17.95 -2.59
C LYS B 149 -18.43 18.10 -1.32
N ARG B 150 -18.81 17.40 -0.26
CA ARG B 150 -18.14 17.55 1.04
C ARG B 150 -18.42 16.29 1.86
N SER B 151 -17.91 16.30 3.09
CA SER B 151 -18.08 15.17 4.00
C SER B 151 -18.22 15.69 5.42
N ILE B 152 -18.85 14.86 6.27
CA ILE B 152 -19.06 15.18 7.68
C ILE B 152 -18.69 13.96 8.51
N VAL B 153 -18.46 14.21 9.80
CA VAL B 153 -18.15 13.17 10.77
C VAL B 153 -19.21 13.22 11.86
N VAL B 154 -19.75 12.07 12.22
CA VAL B 154 -20.80 11.98 13.23
C VAL B 154 -20.22 11.20 14.42
N GLU B 155 -19.85 11.91 15.48
CA GLU B 155 -19.33 11.32 16.71
C GLU B 155 -20.34 11.57 17.82
N GLN B 156 -20.94 10.49 18.34
CA GLN B 156 -21.92 10.56 19.42
C GLN B 156 -21.24 10.12 20.71
N MET B 157 -20.90 11.07 21.57
CA MET B 157 -20.18 10.79 22.80
C MET B 157 -21.08 11.05 24.01
N ALA B 158 -20.48 10.96 25.20
CA ALA B 158 -21.24 11.09 26.45
C ALA B 158 -21.81 12.49 26.62
N ASP B 159 -21.27 13.49 25.93
CA ASP B 159 -21.74 14.87 26.05
C ASP B 159 -22.62 15.29 24.89
N GLY B 160 -23.19 14.34 24.16
CA GLY B 160 -24.08 14.63 23.06
C GLY B 160 -23.48 14.28 21.72
N MET B 161 -24.16 14.74 20.67
CA MET B 161 -23.73 14.46 19.31
C MET B 161 -22.82 15.57 18.82
N HIS B 162 -21.75 15.18 18.14
CA HIS B 162 -20.86 16.11 17.47
C HIS B 162 -20.91 15.83 15.97
N VAL B 163 -21.16 16.87 15.18
CA VAL B 163 -21.20 16.75 13.73
C VAL B 163 -20.18 17.76 13.19
N HIS B 164 -19.04 17.27 12.72
CA HIS B 164 -17.96 18.12 12.25
C HIS B 164 -17.95 18.18 10.73
N HIS B 165 -17.64 19.36 10.20
CA HIS B 165 -17.38 19.51 8.78
C HIS B 165 -15.98 18.99 8.50
N ASP B 166 -15.89 17.86 7.81
CA ASP B 166 -14.60 17.21 7.53
C ASP B 166 -13.96 17.90 6.33
N ASP B 167 -13.02 18.81 6.60
CA ASP B 167 -12.38 19.56 5.54
C ASP B 167 -11.30 18.76 4.82
N VAL B 168 -10.62 17.87 5.55
CA VAL B 168 -9.60 17.01 4.95
C VAL B 168 -10.17 15.76 4.32
N ASP B 169 -11.48 15.53 4.43
CA ASP B 169 -12.18 14.47 3.72
C ASP B 169 -11.62 13.08 4.05
N VAL B 170 -11.24 12.88 5.31
CA VAL B 170 -10.67 11.61 5.74
C VAL B 170 -11.02 11.37 7.20
N LEU B 171 -11.14 10.10 7.58
CA LEU B 171 -11.47 9.74 8.95
C LEU B 171 -10.76 8.45 9.36
N THR B 172 -10.32 8.41 10.61
CA THR B 172 -9.68 7.23 11.18
C THR B 172 -10.41 6.86 12.46
N ASN B 173 -9.74 6.14 13.36
CA ASN B 173 -10.33 5.75 14.63
C ASN B 173 -10.16 6.82 15.70
N GLN B 174 -9.87 6.40 16.93
CA GLN B 174 -9.72 7.33 18.05
C GLN B 174 -8.51 8.24 17.85
N PRO B 175 -8.46 9.38 18.56
CA PRO B 175 -9.49 9.94 19.44
C PRO B 175 -10.46 10.84 18.71
N THR B 176 -10.98 11.87 19.37
CA THR B 176 -12.01 12.72 18.79
C THR B 176 -11.49 13.49 17.58
N PHE B 177 -12.41 13.84 16.69
CA PHE B 177 -12.05 14.55 15.47
C PHE B 177 -11.36 15.88 15.77
N ASP B 178 -11.65 16.47 16.94
CA ASP B 178 -10.99 17.71 17.33
C ASP B 178 -9.50 17.49 17.55
N PHE B 179 -9.11 16.33 18.07
CA PHE B 179 -7.69 16.05 18.27
C PHE B 179 -6.97 15.93 16.94
N HIS B 180 -7.54 15.16 16.00
CA HIS B 180 -6.89 14.92 14.73
C HIS B 180 -6.61 16.22 13.98
N MET B 181 -7.54 17.19 14.05
CA MET B 181 -7.36 18.43 13.32
C MET B 181 -6.40 19.40 14.02
N GLU B 182 -6.36 19.37 15.35
CA GLU B 182 -5.28 20.07 16.03
C GLU B 182 -3.94 19.39 15.79
N ASN B 183 -3.94 18.07 15.65
CA ASN B 183 -2.70 17.34 15.40
C ASN B 183 -2.10 17.68 14.05
N LEU B 184 -2.95 17.98 13.06
CA LEU B 184 -2.45 18.27 11.71
C LEU B 184 -1.55 19.51 11.71
N ARG B 185 -1.76 20.43 12.64
CA ARG B 185 -0.98 21.67 12.67
C ARG B 185 0.50 21.42 12.95
N ASN B 186 0.85 20.25 13.51
CA ASN B 186 2.25 19.92 13.71
C ASN B 186 2.96 19.71 12.38
N TYR B 187 2.29 19.07 11.43
CA TYR B 187 2.88 18.71 10.14
C TYR B 187 2.48 19.69 9.04
N MET B 188 2.23 20.95 9.39
CA MET B 188 1.87 21.95 8.39
C MET B 188 3.03 22.31 7.48
N CYS B 189 4.27 21.99 7.87
CA CYS B 189 5.45 22.39 7.12
C CYS B 189 5.88 21.37 6.07
N VAL B 190 5.41 20.13 6.16
CA VAL B 190 5.82 19.13 5.18
C VAL B 190 5.30 19.53 3.81
N SER B 191 6.08 19.24 2.78
CA SER B 191 5.77 19.69 1.43
C SER B 191 6.10 18.59 0.44
N ASN B 192 5.27 18.47 -0.60
CA ASN B 192 5.55 17.54 -1.70
C ASN B 192 6.47 18.15 -2.74
N GLU B 193 6.78 19.43 -2.64
CA GLU B 193 7.80 20.04 -3.48
C GLU B 193 9.14 19.36 -3.24
N MET B 194 9.97 19.33 -4.28
CA MET B 194 11.35 18.90 -4.10
C MET B 194 12.05 19.82 -3.13
N ALA B 195 12.83 19.23 -2.22
CA ALA B 195 13.49 20.00 -1.17
C ALA B 195 14.41 21.06 -1.78
N GLU B 196 14.35 22.26 -1.21
CA GLU B 196 15.14 23.38 -1.70
C GLU B 196 16.53 23.35 -1.08
N PRO B 197 17.60 23.30 -1.88
CA PRO B 197 18.95 23.31 -1.30
C PRO B 197 19.18 24.55 -0.45
N THR B 198 19.69 24.33 0.76
CA THR B 198 19.97 25.42 1.70
C THR B 198 21.32 25.14 2.34
N SER B 199 21.62 25.87 3.43
CA SER B 199 22.90 25.72 4.10
C SER B 199 22.73 25.99 5.59
N TRP B 200 23.44 25.20 6.39
CA TRP B 200 23.48 25.34 7.85
C TRP B 200 24.89 25.83 8.22
N GLY B 201 25.04 27.15 8.32
CA GLY B 201 26.34 27.74 8.52
C GLY B 201 27.17 27.64 7.25
N LYS B 202 28.20 26.79 7.26
CA LYS B 202 29.03 26.55 6.09
C LYS B 202 28.68 25.25 5.38
N ALA B 203 27.92 24.36 6.00
CA ALA B 203 27.55 23.11 5.37
C ALA B 203 26.39 23.32 4.40
N SER B 204 26.52 22.75 3.21
CA SER B 204 25.48 22.86 2.19
C SER B 204 24.72 21.53 2.13
N LEU B 205 23.45 21.58 2.48
CA LEU B 205 22.60 20.39 2.49
C LEU B 205 21.77 20.32 1.21
N THR B 206 21.67 19.12 0.65
CA THR B 206 20.82 18.85 -0.50
C THR B 206 20.09 17.55 -0.26
N ALA B 207 19.09 17.28 -1.10
CA ALA B 207 18.31 16.06 -0.99
C ALA B 207 18.87 14.99 -1.91
N TRP B 208 18.87 13.74 -1.42
CA TRP B 208 19.23 12.61 -2.27
C TRP B 208 18.26 12.44 -3.42
N GLY B 209 17.00 12.81 -3.22
CA GLY B 209 15.98 12.66 -4.24
C GLY B 209 14.62 13.11 -3.75
N ALA B 210 13.56 12.54 -4.31
CA ALA B 210 12.21 12.90 -3.92
C ALA B 210 11.90 12.38 -2.52
N GLY B 211 11.09 13.16 -1.79
CA GLY B 211 10.57 12.74 -0.51
C GLY B 211 11.15 13.44 0.69
N VAL B 212 12.26 14.17 0.53
CA VAL B 212 12.89 14.80 1.69
C VAL B 212 12.01 15.90 2.25
N GLY B 213 11.32 16.65 1.39
CA GLY B 213 10.41 17.68 1.87
C GLY B 213 9.21 17.13 2.62
N MET B 214 8.90 15.84 2.43
CA MET B 214 7.83 15.17 3.15
C MET B 214 8.28 14.63 4.50
N HIS B 215 9.57 14.76 4.83
CA HIS B 215 10.10 14.26 6.10
C HIS B 215 9.36 14.90 7.27
N GLY B 216 8.97 14.07 8.23
CA GLY B 216 8.15 14.48 9.37
C GLY B 216 6.82 13.75 9.45
N ILE B 217 6.32 13.29 8.32
CA ILE B 217 5.06 12.53 8.29
C ILE B 217 5.27 11.19 8.99
N PRO B 218 4.45 10.83 9.97
CA PRO B 218 4.67 9.57 10.69
C PRO B 218 4.33 8.37 9.82
N GLY B 219 4.97 7.25 10.16
CA GLY B 219 4.83 6.05 9.34
C GLY B 219 4.30 4.83 10.06
N ASP B 220 3.94 4.98 11.33
CA ASP B 220 3.36 3.87 12.08
C ASP B 220 1.86 3.76 11.78
N VAL B 221 1.27 2.63 12.14
CA VAL B 221 -0.12 2.33 11.80
C VAL B 221 -1.07 2.68 12.94
N SER B 222 -0.64 3.50 13.90
CA SER B 222 -1.55 3.96 14.94
C SER B 222 -2.60 4.90 14.36
N SER B 223 -3.74 4.95 15.03
CA SER B 223 -4.87 5.76 14.54
C SER B 223 -4.51 7.21 14.26
N PRO B 224 -3.87 7.97 15.16
CA PRO B 224 -3.53 9.35 14.81
C PRO B 224 -2.54 9.46 13.65
N SER B 225 -1.50 8.62 13.64
CA SER B 225 -0.51 8.70 12.57
C SER B 225 -1.11 8.32 11.22
N ARG B 226 -1.96 7.29 11.19
CA ARG B 226 -2.65 6.96 9.95
C ARG B 226 -3.50 8.14 9.47
N PHE B 227 -4.07 8.91 10.39
CA PHE B 227 -4.86 10.08 10.01
C PHE B 227 -4.00 11.11 9.30
N VAL B 228 -2.88 11.49 9.92
CA VAL B 228 -2.00 12.50 9.34
C VAL B 228 -1.53 12.06 7.95
N ARG B 229 -1.10 10.81 7.83
CA ARG B 229 -0.51 10.35 6.58
C ARG B 229 -1.52 10.35 5.45
N VAL B 230 -2.70 9.74 5.69
CA VAL B 230 -3.70 9.65 4.62
C VAL B 230 -4.34 11.01 4.34
N ALA B 231 -4.32 11.93 5.31
CA ALA B 231 -4.80 13.28 5.03
C ALA B 231 -3.85 14.02 4.11
N TYR B 232 -2.54 13.77 4.22
CA TYR B 232 -1.58 14.34 3.30
C TYR B 232 -1.71 13.73 1.91
N THR B 233 -1.93 12.42 1.85
CA THR B 233 -2.02 11.74 0.56
C THR B 233 -3.28 12.16 -0.20
N ASN B 234 -4.41 12.27 0.49
CA ASN B 234 -5.65 12.66 -0.16
C ASN B 234 -5.62 14.12 -0.60
N ALA B 235 -4.97 14.98 0.18
CA ALA B 235 -4.93 16.41 -0.13
C ALA B 235 -3.99 16.74 -1.28
N HIS B 236 -2.95 15.92 -1.49
CA HIS B 236 -1.93 16.24 -2.48
C HIS B 236 -2.06 15.42 -3.76
N TYR B 237 -2.95 14.44 -3.80
CA TYR B 237 -3.17 13.67 -5.02
C TYR B 237 -3.75 14.59 -6.10
N PRO B 238 -3.13 14.67 -7.28
CA PRO B 238 -3.68 15.53 -8.33
C PRO B 238 -5.04 15.03 -8.81
N GLN B 239 -5.96 15.97 -9.02
CA GLN B 239 -7.33 15.62 -9.38
C GLN B 239 -7.36 14.87 -10.71
N GLN B 240 -8.17 13.82 -10.77
CA GLN B 240 -8.33 13.01 -11.96
C GLN B 240 -9.65 13.34 -12.64
N ASN B 241 -9.77 12.91 -13.91
CA ASN B 241 -10.95 13.18 -14.72
C ASN B 241 -11.65 11.94 -15.25
N ASP B 242 -10.97 10.80 -15.33
CA ASP B 242 -11.56 9.56 -15.81
C ASP B 242 -11.92 8.65 -14.64
N GLU B 243 -12.78 7.67 -14.92
CA GLU B 243 -13.22 6.76 -13.86
C GLU B 243 -12.10 5.81 -13.45
N ALA B 244 -11.37 5.25 -14.42
CA ALA B 244 -10.29 4.33 -14.09
C ALA B 244 -9.19 5.02 -13.30
N ALA B 245 -8.89 6.28 -13.63
CA ALA B 245 -7.88 7.01 -12.89
C ALA B 245 -8.35 7.35 -11.49
N ASN B 246 -9.65 7.62 -11.30
CA ASN B 246 -10.15 7.96 -9.98
C ASN B 246 -10.23 6.72 -9.09
N VAL B 247 -10.65 5.59 -9.65
CA VAL B 247 -10.64 4.34 -8.89
C VAL B 247 -9.22 3.98 -8.49
N SER B 248 -8.24 4.29 -9.35
CA SER B 248 -6.85 4.06 -8.99
C SER B 248 -6.42 4.99 -7.86
N ARG B 249 -6.91 6.24 -7.86
CA ARG B 249 -6.56 7.16 -6.79
C ARG B 249 -7.12 6.69 -5.45
N LEU B 250 -8.34 6.14 -5.46
CA LEU B 250 -8.97 5.72 -4.21
C LEU B 250 -8.21 4.56 -3.56
N PHE B 251 -7.94 3.50 -4.32
CA PHE B 251 -7.29 2.33 -3.74
C PHE B 251 -5.81 2.56 -3.47
N HIS B 252 -5.20 3.58 -4.07
CA HIS B 252 -3.81 3.92 -3.77
C HIS B 252 -3.70 4.87 -2.59
N THR B 253 -4.64 5.80 -2.45
CA THR B 253 -4.67 6.63 -1.25
C THR B 253 -4.90 5.79 -0.01
N LEU B 254 -5.80 4.80 -0.10
CA LEU B 254 -6.04 3.92 1.03
C LEU B 254 -4.87 2.96 1.26
N GLY B 255 -4.13 2.62 0.19
CA GLY B 255 -2.95 1.80 0.34
C GLY B 255 -1.83 2.46 1.13
N SER B 256 -1.82 3.79 1.18
CA SER B 256 -0.78 4.50 1.92
C SER B 256 -0.87 4.31 3.43
N VAL B 257 -1.97 3.74 3.94
CA VAL B 257 -2.12 3.56 5.37
C VAL B 257 -2.60 2.15 5.67
N GLN B 258 -2.44 1.24 4.70
CA GLN B 258 -2.81 -0.15 4.90
C GLN B 258 -1.93 -0.79 5.99
N MET B 259 -2.48 -1.82 6.62
CA MET B 259 -1.81 -2.53 7.71
C MET B 259 -1.33 -3.88 7.19
N VAL B 260 -0.02 -4.04 7.12
CA VAL B 260 0.60 -5.26 6.62
C VAL B 260 0.74 -6.24 7.77
N ASP B 261 0.57 -7.53 7.47
CA ASP B 261 0.68 -8.58 8.48
C ASP B 261 2.03 -8.50 9.19
N GLY B 262 1.99 -8.52 10.52
CA GLY B 262 3.19 -8.43 11.34
C GLY B 262 3.53 -7.04 11.81
N MET B 263 2.84 -6.02 11.32
CA MET B 263 3.19 -4.64 11.68
C MET B 263 2.81 -4.31 13.12
N ALA B 264 1.63 -4.73 13.57
CA ALA B 264 1.15 -4.35 14.90
C ALA B 264 0.18 -5.39 15.43
N LYS B 265 0.43 -5.85 16.65
CA LYS B 265 -0.47 -6.79 17.31
C LYS B 265 -1.60 -6.07 18.04
N MET B 266 -2.78 -6.69 18.01
CA MET B 266 -3.93 -6.31 18.81
C MET B 266 -3.69 -6.58 20.29
N GLY B 267 -4.66 -6.17 21.11
CA GLY B 267 -4.67 -6.48 22.52
C GLY B 267 -4.94 -7.92 22.88
N ASP B 268 -5.06 -8.79 21.87
CA ASP B 268 -5.33 -10.21 22.08
C ASP B 268 -4.24 -11.11 21.52
N GLY B 269 -3.18 -10.55 20.94
CA GLY B 269 -2.05 -11.33 20.47
C GLY B 269 -1.98 -11.57 18.98
N GLN B 270 -2.98 -11.11 18.22
CA GLN B 270 -3.01 -11.31 16.78
C GLN B 270 -2.70 -10.01 16.05
N PHE B 271 -2.32 -10.15 14.78
CA PHE B 271 -1.91 -9.01 13.97
C PHE B 271 -3.11 -8.36 13.30
N GLU B 272 -3.10 -7.03 13.24
CA GLU B 272 -4.11 -6.28 12.53
C GLU B 272 -3.71 -6.16 11.06
N ARG B 273 -4.57 -6.65 10.17
CA ARG B 273 -4.32 -6.55 8.75
C ARG B 273 -5.52 -5.92 8.06
N THR B 274 -5.24 -5.16 6.99
CA THR B 274 -6.31 -4.64 6.15
C THR B 274 -7.04 -5.80 5.48
N LEU B 275 -8.11 -6.27 6.13
CA LEU B 275 -8.80 -7.47 5.65
C LEU B 275 -9.36 -7.26 4.25
N PHE B 276 -10.04 -6.14 4.02
CA PHE B 276 -10.49 -5.78 2.68
C PHE B 276 -10.49 -4.27 2.54
N THR B 277 -10.66 -3.81 1.31
CA THR B 277 -10.80 -2.40 1.00
C THR B 277 -11.95 -2.22 0.03
N SER B 278 -12.96 -1.46 0.44
CA SER B 278 -14.15 -1.24 -0.37
C SER B 278 -14.20 0.21 -0.84
N GLY B 279 -14.87 0.42 -1.98
CA GLY B 279 -14.99 1.75 -2.55
C GLY B 279 -16.28 1.89 -3.31
N TYR B 280 -16.60 3.13 -3.67
CA TYR B 280 -17.82 3.44 -4.40
C TYR B 280 -17.58 4.59 -5.35
N SER B 281 -18.22 4.53 -6.52
CA SER B 281 -18.17 5.60 -7.52
C SER B 281 -19.58 5.97 -7.90
N SER B 282 -19.89 7.28 -7.86
CA SER B 282 -21.20 7.77 -8.24
C SER B 282 -21.30 8.09 -9.73
N LYS B 283 -20.16 8.13 -10.45
CA LYS B 283 -20.21 8.36 -11.89
C LYS B 283 -20.73 7.14 -12.63
N THR B 284 -20.58 5.95 -12.05
CA THR B 284 -21.09 4.72 -12.64
C THR B 284 -21.99 3.92 -11.71
N ASN B 285 -22.17 4.37 -10.46
CA ASN B 285 -22.94 3.65 -9.47
C ASN B 285 -22.44 2.21 -9.33
N THR B 286 -21.18 2.10 -8.91
CA THR B 286 -20.50 0.82 -8.81
C THR B 286 -19.72 0.75 -7.51
N TYR B 287 -19.78 -0.41 -6.87
CA TYR B 287 -18.98 -0.68 -5.67
C TYR B 287 -17.77 -1.52 -6.05
N TYR B 288 -16.63 -1.19 -5.45
CA TYR B 288 -15.37 -1.88 -5.71
C TYR B 288 -14.83 -2.47 -4.43
N MET B 289 -14.11 -3.59 -4.54
CA MET B 289 -13.62 -4.27 -3.36
C MET B 289 -12.49 -5.22 -3.72
N ASN B 290 -11.44 -5.22 -2.91
CA ASN B 290 -10.39 -6.23 -2.96
C ASN B 290 -10.06 -6.66 -1.54
N THR B 291 -9.36 -7.79 -1.41
CA THR B 291 -9.05 -8.36 -0.11
C THR B 291 -7.54 -8.36 0.11
N TYR B 292 -7.14 -8.75 1.33
CA TYR B 292 -5.73 -8.89 1.63
C TYR B 292 -5.09 -9.99 0.80
N ASP B 293 -5.83 -11.06 0.54
CA ASP B 293 -5.34 -12.18 -0.25
C ASP B 293 -5.40 -11.93 -1.75
N ASP B 294 -6.04 -10.85 -2.19
CA ASP B 294 -6.20 -10.61 -3.62
C ASP B 294 -6.33 -9.12 -3.90
N PRO B 295 -5.32 -8.50 -4.51
CA PRO B 295 -5.42 -7.06 -4.84
C PRO B 295 -6.24 -6.76 -6.08
N ALA B 296 -6.82 -7.77 -6.73
CA ALA B 296 -7.64 -7.52 -7.91
C ALA B 296 -8.92 -6.80 -7.50
N ILE B 297 -9.10 -5.59 -8.04
CA ILE B 297 -10.26 -4.76 -7.71
C ILE B 297 -11.47 -5.32 -8.45
N ARG B 298 -12.35 -5.99 -7.72
CA ARG B 298 -13.61 -6.48 -8.27
C ARG B 298 -14.67 -5.38 -8.25
N SER B 299 -15.58 -5.44 -9.20
CA SER B 299 -16.60 -4.41 -9.38
C SER B 299 -18.00 -5.01 -9.30
N TYR B 300 -18.91 -4.25 -8.68
CA TYR B 300 -20.32 -4.64 -8.55
C TYR B 300 -21.16 -3.41 -8.80
N ALA B 301 -21.87 -3.38 -9.93
CA ALA B 301 -22.64 -2.21 -10.34
C ALA B 301 -24.11 -2.35 -9.94
N MET B 302 -24.73 -1.20 -9.67
CA MET B 302 -26.14 -1.17 -9.30
C MET B 302 -27.01 -1.69 -10.44
N ALA B 303 -26.53 -1.54 -11.68
CA ALA B 303 -27.29 -1.94 -12.85
C ALA B 303 -27.34 -3.45 -13.04
N ASP B 304 -26.41 -4.19 -12.42
CA ASP B 304 -26.36 -5.64 -12.56
C ASP B 304 -27.27 -6.36 -11.58
N TYR B 305 -28.20 -5.65 -10.94
CA TYR B 305 -29.11 -6.24 -9.97
C TYR B 305 -30.48 -5.61 -10.15
N ASP B 306 -31.52 -6.43 -10.15
CA ASP B 306 -32.90 -5.95 -10.28
C ASP B 306 -33.26 -5.19 -9.02
N MET B 307 -33.14 -3.87 -9.06
CA MET B 307 -33.28 -3.08 -7.85
C MET B 307 -34.73 -2.83 -7.45
N ASP B 308 -35.68 -3.41 -8.18
CA ASP B 308 -37.08 -3.37 -7.80
C ASP B 308 -37.53 -4.67 -7.14
N SER B 309 -36.59 -5.55 -6.80
CA SER B 309 -36.92 -6.77 -6.07
C SER B 309 -37.31 -6.43 -4.64
N SER B 310 -37.73 -7.45 -3.90
CA SER B 310 -38.26 -7.27 -2.56
C SER B 310 -37.41 -7.93 -1.48
N GLU B 311 -36.30 -8.57 -1.84
CA GLU B 311 -35.50 -9.31 -0.89
C GLU B 311 -34.04 -8.90 -0.97
N LEU B 312 -33.31 -9.20 0.11
CA LEU B 312 -31.88 -8.90 0.16
C LEU B 312 -31.10 -9.85 -0.73
N ILE B 313 -30.24 -9.30 -1.56
CA ILE B 313 -29.36 -10.08 -2.44
C ILE B 313 -27.94 -9.99 -1.87
N SER B 314 -27.40 -11.13 -1.46
CA SER B 314 -26.05 -11.22 -0.92
C SER B 314 -25.19 -12.04 -1.87
N VAL B 315 -24.19 -11.41 -2.47
CA VAL B 315 -23.35 -12.04 -3.48
C VAL B 315 -21.96 -12.27 -2.89
N ALA B 316 -21.41 -13.47 -3.10
CA ALA B 316 -20.08 -13.81 -2.60
C ALA B 316 -18.99 -13.40 -3.57
C4 WU5 C . 15.00 3.45 -11.68
C14 WU5 C . 19.33 0.16 -19.02
C5 WU5 C . 15.48 3.83 -13.08
C6 WU5 C . 16.06 5.25 -13.08
C11 WU5 C . 17.62 0.86 -16.72
C7 WU5 C . 16.44 2.77 -13.65
C8 WU5 C . 16.03 1.32 -13.26
C9 WU5 C . 16.67 0.38 -14.31
C10 WU5 C . 17.39 1.32 -15.29
C12 WU5 C . 18.36 -0.48 -16.78
C13 WU5 C . 18.59 -0.91 -18.24
C3 WU5 C . 16.01 3.66 -10.56
C1 WU5 C . 14.77 2.10 -9.01
C15 WU5 C . 20.80 0.25 -18.60
C16 WU5 C . 21.58 1.29 -19.37
C17 WU5 C . 20.90 2.64 -19.27
C18 WU5 C . 19.46 2.56 -19.75
C19 WU5 C . 18.60 1.53 -18.99
C2 WU5 C . 15.42 3.40 -9.21
C20 WU5 C . 17.24 1.44 -19.71
C21 WU5 C . 18.39 1.94 -17.50
C22 WU5 C . 17.76 3.33 -17.34
C23 WU5 C . 17.48 3.71 -15.88
C24 WU5 C . 16.61 2.65 -15.20
C25 WU5 C . 15.23 2.56 -15.86
O1 WU5 C . 15.46 4.24 -8.33
O2 WU5 C . 22.93 1.36 -18.88
C4 WU5 D . -14.42 -1.66 13.15
C14 WU5 D . -22.90 -4.92 13.04
C5 WU5 D . -15.13 -3.01 13.06
C6 WU5 D . -14.67 -3.93 14.18
C11 WU5 D . -20.17 -4.03 12.34
C7 WU5 D . -16.66 -2.77 13.04
C8 WU5 D . -17.07 -1.82 11.88
C9 WU5 D . -18.49 -2.22 11.46
C10 WU5 D . -18.95 -3.17 12.58
C12 WU5 D . -21.40 -3.21 11.98
C13 WU5 D . -22.62 -4.09 11.79
C3 WU5 D . -12.92 -1.71 12.98
C1 WU5 D . -12.40 -0.72 10.73
C15 WU5 D . -23.39 -4.02 14.18
C16 WU5 D . -23.71 -4.81 15.45
C17 WU5 D . -22.49 -5.60 15.87
C18 WU5 D . -22.04 -6.53 14.75
C19 WU5 D . -21.69 -5.80 13.44
C2 WU5 D . -12.48 -0.54 12.19
C20 WU5 D . -21.43 -6.88 12.36
C21 WU5 D . -20.45 -4.88 13.61
C22 WU5 D . -19.18 -5.64 14.05
C23 WU5 D . -17.96 -4.73 14.22
C24 WU5 D . -17.66 -3.95 12.92
C25 WU5 D . -17.24 -4.90 11.79
O1 WU5 D . -12.21 0.52 12.71
O2 WU5 D . -24.10 -3.90 16.50
#